data_6CDS
#
_entry.id   6CDS
#
_cell.length_a   42.310
_cell.length_b   96.590
_cell.length_c   106.450
_cell.angle_alpha   90.00
_cell.angle_beta   99.32
_cell.angle_gamma   90.00
#
_symmetry.space_group_name_H-M   'P 1 21 1'
#
loop_
_entity.id
_entity.type
_entity.pdbx_description
1 polymer Merlin
2 non-polymer '[(2R)-2-octanoyloxy-3-[oxidanyl-[(1R,2R,3S,4R,5R,6S)-2,3,6-tris(oxidanyl)-4,5-diphosphonooxy-cyclohexyl]oxy-phosphoryl]oxy-propyl] octanoate'
3 non-polymer 'PHOSPHATE ION'
4 non-polymer DI(HYDROXYETHYL)ETHER
5 non-polymer GLYCEROL
6 water water
#
_entity_poly.entity_id   1
_entity_poly.type   'polypeptide(L)'
_entity_poly.pdbx_seq_one_letter_code
;MAGAIASRMSFSSLKRKQPKTFTVRIVTMDAEMEFNCEMKWKGKDLFDLVCRTLGLRETWFFGLQYTIKDTVAWLKMDKK
VLDHDVSKEEPVTFHFLAKFYPENAEEELVQEITQHLFFLQVKKQILDEKIYCPPEASVLLASYAVQAKYGDYDPSVHKR
GFLAQEELLPKRVINLYQMTPEMWEERITAWYAEHRGRARDEAEMEYLKIAQDLEMYGVNYFAIRNKKGTELLLGVDALG
LHIYDPENRLTPKISFPWNEIRNISYSDKEFTIKPLDKKIDVFKFNSSKLRVNKLILQLCIENHDLFMRRRKADSLEVQQ
MKAQAREEKARKQMERQRL
;
_entity_poly.pdbx_strand_id   A,B
#
# COMPACT_ATOMS: atom_id res chain seq x y z
N LYS A 15 9.42 -51.97 35.13
CA LYS A 15 9.38 -52.63 33.83
C LYS A 15 8.04 -52.36 33.13
N ARG A 16 6.90 -52.89 33.69
CA ARG A 16 5.56 -52.67 33.14
C ARG A 16 4.91 -51.38 33.69
N LYS A 17 5.56 -50.70 34.68
CA LYS A 17 5.09 -49.44 35.30
C LYS A 17 5.49 -48.16 34.51
N GLN A 18 6.57 -48.19 33.67
CA GLN A 18 6.93 -47.04 32.82
C GLN A 18 5.92 -46.95 31.65
N PRO A 19 5.32 -45.76 31.34
CA PRO A 19 4.31 -45.72 30.27
C PRO A 19 4.85 -46.05 28.88
N LYS A 20 3.99 -46.70 28.08
CA LYS A 20 4.32 -47.13 26.73
C LYS A 20 4.09 -45.98 25.74
N THR A 21 3.43 -44.88 26.14
CA THR A 21 3.13 -43.77 25.25
C THR A 21 3.28 -42.42 25.93
N PHE A 22 3.23 -41.36 25.08
CA PHE A 22 3.27 -39.97 25.52
C PHE A 22 2.30 -39.19 24.67
N THR A 23 1.70 -38.15 25.23
CA THR A 23 0.75 -37.34 24.48
C THR A 23 1.45 -36.46 23.46
N VAL A 24 0.89 -36.46 22.25
CA VAL A 24 1.32 -35.62 21.16
C VAL A 24 0.13 -34.79 20.70
N ARG A 25 0.31 -33.48 20.56
CA ARG A 25 -0.74 -32.62 20.04
C ARG A 25 -0.45 -32.41 18.56
N ILE A 26 -1.47 -32.59 17.69
CA ILE A 26 -1.32 -32.40 16.24
C ILE A 26 -2.22 -31.27 15.83
N VAL A 27 -1.63 -30.19 15.31
CA VAL A 27 -2.39 -29.03 14.84
C VAL A 27 -2.55 -29.03 13.31
N THR A 28 -3.79 -29.16 12.84
CA THR A 28 -4.09 -29.04 11.42
C THR A 28 -4.63 -27.61 11.20
N MET A 29 -4.89 -27.26 9.91
CA MET A 29 -5.46 -25.96 9.60
C MET A 29 -6.89 -25.86 10.15
N ASP A 30 -7.58 -27.02 10.34
CA ASP A 30 -8.96 -27.13 10.86
C ASP A 30 -9.05 -27.11 12.40
N ALA A 31 -8.44 -28.12 13.05
CA ALA A 31 -8.51 -28.26 14.49
C ALA A 31 -7.24 -28.86 15.04
N GLU A 32 -7.19 -28.98 16.37
CA GLU A 32 -6.10 -29.59 17.08
C GLU A 32 -6.65 -30.89 17.63
N MET A 33 -5.76 -31.85 17.85
CA MET A 33 -6.15 -33.15 18.35
C MET A 33 -4.99 -33.80 19.00
N GLU A 34 -5.24 -34.67 19.97
CA GLU A 34 -4.21 -35.37 20.70
C GLU A 34 -4.26 -36.87 20.51
N PHE A 35 -3.08 -37.46 20.51
CA PHE A 35 -2.91 -38.88 20.33
C PHE A 35 -1.90 -39.42 21.34
N ASN A 36 -1.94 -40.73 21.50
CA ASN A 36 -1.01 -41.47 22.33
C ASN A 36 0.02 -42.00 21.40
N CYS A 37 1.21 -41.38 21.43
CA CYS A 37 2.33 -41.77 20.59
C CYS A 37 3.12 -42.80 21.33
N GLU A 38 3.38 -43.97 20.76
CA GLU A 38 4.21 -44.97 21.42
C GLU A 38 5.64 -44.44 21.48
N MET A 39 6.37 -44.77 22.54
CA MET A 39 7.75 -44.25 22.74
C MET A 39 8.68 -44.68 21.57
N LYS A 40 8.49 -45.92 21.07
CA LYS A 40 9.24 -46.54 19.97
C LYS A 40 8.88 -46.07 18.57
N TRP A 41 7.70 -45.47 18.41
CA TRP A 41 7.22 -45.03 17.12
C TRP A 41 8.14 -44.11 16.37
N LYS A 42 8.19 -44.31 15.03
CA LYS A 42 8.93 -43.48 14.11
C LYS A 42 7.99 -42.39 13.59
N GLY A 43 8.54 -41.44 12.82
CA GLY A 43 7.74 -40.38 12.20
C GLY A 43 6.62 -40.94 11.34
N LYS A 44 6.88 -42.09 10.68
CA LYS A 44 5.93 -42.73 9.81
C LYS A 44 4.70 -43.21 10.57
N ASP A 45 4.89 -43.77 11.76
CA ASP A 45 3.80 -44.33 12.57
C ASP A 45 2.82 -43.25 12.98
N LEU A 46 3.39 -42.16 13.52
CA LEU A 46 2.62 -40.99 13.95
C LEU A 46 1.95 -40.35 12.73
N PHE A 47 2.70 -40.21 11.63
CA PHE A 47 2.16 -39.60 10.41
C PHE A 47 0.98 -40.38 9.86
N ASP A 48 1.13 -41.70 9.74
CA ASP A 48 0.05 -42.57 9.24
C ASP A 48 -1.19 -42.53 10.13
N LEU A 49 -1.02 -42.46 11.48
CA LEU A 49 -2.15 -42.35 12.42
C LEU A 49 -2.93 -41.08 12.17
N VAL A 50 -2.20 -39.95 11.97
CA VAL A 50 -2.83 -38.66 11.71
C VAL A 50 -3.62 -38.76 10.40
N CYS A 51 -2.97 -39.23 9.34
CA CYS A 51 -3.63 -39.37 8.05
C CYS A 51 -4.87 -40.27 8.14
N ARG A 52 -4.77 -41.42 8.84
CA ARG A 52 -5.91 -42.34 8.99
C ARG A 52 -7.04 -41.60 9.66
N THR A 53 -6.77 -40.94 10.81
CA THR A 53 -7.77 -40.18 11.57
C THR A 53 -8.51 -39.16 10.68
N LEU A 54 -7.75 -38.41 9.85
CA LEU A 54 -8.27 -37.37 8.97
C LEU A 54 -9.03 -37.92 7.78
N GLY A 55 -8.87 -39.22 7.51
CA GLY A 55 -9.47 -39.85 6.35
C GLY A 55 -8.75 -39.37 5.11
N LEU A 56 -7.44 -39.04 5.25
CA LEU A 56 -6.63 -38.52 4.18
C LEU A 56 -5.74 -39.62 3.58
N ARG A 57 -5.89 -39.86 2.27
CA ARG A 57 -5.17 -40.85 1.48
C ARG A 57 -4.08 -40.21 0.59
N GLU A 58 -4.24 -38.94 0.19
CA GLU A 58 -3.27 -38.23 -0.64
C GLU A 58 -2.22 -37.65 0.27
N THR A 59 -1.50 -38.55 0.95
CA THR A 59 -0.57 -38.25 2.02
C THR A 59 0.74 -37.65 1.62
N TRP A 60 1.25 -38.02 0.46
CA TRP A 60 2.53 -37.54 -0.09
C TRP A 60 2.73 -36.03 -0.09
N PHE A 61 1.65 -35.21 -0.15
CA PHE A 61 1.79 -33.75 -0.09
C PHE A 61 2.06 -33.23 1.32
N PHE A 62 1.76 -34.04 2.33
CA PHE A 62 1.81 -33.59 3.72
C PHE A 62 3.02 -34.06 4.56
N GLY A 63 3.16 -33.37 5.68
CA GLY A 63 4.19 -33.64 6.65
C GLY A 63 3.78 -33.10 8.01
N LEU A 64 4.64 -33.31 9.02
CA LEU A 64 4.40 -32.93 10.38
C LEU A 64 5.56 -32.09 10.75
N GLN A 65 5.31 -30.78 10.92
CA GLN A 65 6.31 -29.76 11.16
C GLN A 65 6.40 -29.37 12.62
N TYR A 66 7.60 -29.06 13.10
CA TYR A 66 7.89 -28.53 14.43
C TYR A 66 9.01 -27.45 14.25
N THR A 67 9.57 -26.87 15.33
CA THR A 67 10.58 -25.80 15.22
C THR A 67 11.91 -26.07 15.94
N ILE A 68 13.00 -26.12 15.17
CA ILE A 68 14.36 -26.29 15.68
C ILE A 68 14.93 -24.87 15.71
N LYS A 69 15.21 -24.33 16.92
CA LYS A 69 15.72 -22.98 17.10
C LYS A 69 14.67 -22.01 16.51
N ASP A 70 14.97 -21.26 15.43
CA ASP A 70 13.99 -20.38 14.77
C ASP A 70 13.51 -20.94 13.44
N THR A 71 14.09 -22.06 12.94
CA THR A 71 13.74 -22.64 11.64
C THR A 71 12.73 -23.80 11.76
N VAL A 72 11.96 -24.01 10.66
CA VAL A 72 11.01 -25.12 10.57
C VAL A 72 11.74 -26.41 10.30
N ALA A 73 11.24 -27.47 10.93
CA ALA A 73 11.80 -28.79 10.78
C ALA A 73 10.67 -29.73 10.55
N TRP A 74 10.82 -30.65 9.57
CA TRP A 74 9.80 -31.65 9.33
C TRP A 74 10.19 -32.96 10.02
N LEU A 75 9.22 -33.65 10.54
CA LEU A 75 9.44 -34.93 11.19
C LEU A 75 9.94 -35.88 10.10
N LYS A 76 11.05 -36.60 10.31
CA LYS A 76 11.55 -37.55 9.33
C LYS A 76 10.84 -38.87 9.57
N MET A 77 10.35 -39.50 8.51
CA MET A 77 9.59 -40.75 8.61
C MET A 77 10.37 -41.94 9.21
N ASP A 78 11.60 -42.16 8.83
CA ASP A 78 12.37 -43.31 9.30
C ASP A 78 12.94 -43.17 10.73
N LYS A 79 12.91 -41.96 11.31
CA LYS A 79 13.48 -41.72 12.64
C LYS A 79 12.43 -41.77 13.75
N LYS A 80 12.84 -42.18 14.97
CA LYS A 80 11.97 -42.23 16.16
C LYS A 80 11.48 -40.81 16.46
N VAL A 81 10.18 -40.64 16.81
CA VAL A 81 9.64 -39.30 17.11
C VAL A 81 10.49 -38.62 18.19
N LEU A 82 10.79 -39.37 19.27
CA LEU A 82 11.57 -38.87 20.40
C LEU A 82 13.04 -38.62 20.08
N ASP A 83 13.59 -39.19 18.98
CA ASP A 83 14.97 -38.90 18.53
C ASP A 83 15.08 -37.58 17.72
N HIS A 84 13.99 -36.81 17.63
CA HIS A 84 13.99 -35.52 16.94
C HIS A 84 14.23 -34.43 17.97
N ASP A 85 14.78 -33.28 17.52
CA ASP A 85 15.07 -32.13 18.39
C ASP A 85 13.79 -31.30 18.54
N VAL A 86 12.78 -31.87 19.18
CA VAL A 86 11.50 -31.22 19.37
C VAL A 86 11.36 -30.94 20.84
N SER A 87 10.79 -29.78 21.19
CA SER A 87 10.55 -29.43 22.60
C SER A 87 9.67 -30.52 23.21
N LYS A 88 10.15 -31.15 24.30
CA LYS A 88 9.43 -32.27 24.92
C LYS A 88 8.47 -31.87 26.05
N GLU A 89 8.11 -30.57 26.15
CA GLU A 89 7.15 -30.08 27.13
C GLU A 89 5.80 -30.62 26.72
N GLU A 90 5.07 -31.22 27.68
CA GLU A 90 3.76 -31.81 27.43
C GLU A 90 2.74 -30.75 26.90
N PRO A 91 2.05 -30.97 25.76
CA PRO A 91 2.14 -32.08 24.81
C PRO A 91 3.13 -31.75 23.68
N VAL A 92 3.86 -32.76 23.21
CA VAL A 92 4.80 -32.59 22.10
C VAL A 92 3.92 -32.22 20.93
N THR A 93 4.13 -31.05 20.32
CA THR A 93 3.25 -30.56 19.27
C THR A 93 3.86 -30.55 17.85
N PHE A 94 3.03 -30.90 16.87
CA PHE A 94 3.41 -30.88 15.46
C PHE A 94 2.30 -30.21 14.68
N HIS A 95 2.66 -29.62 13.56
CA HIS A 95 1.73 -28.94 12.69
C HIS A 95 1.58 -29.79 11.44
N PHE A 96 0.37 -30.29 11.19
CA PHE A 96 0.13 -31.09 10.00
C PHE A 96 -0.12 -30.08 8.90
N LEU A 97 0.83 -29.99 7.94
CA LEU A 97 0.76 -29.06 6.83
C LEU A 97 1.18 -29.75 5.55
N ALA A 98 0.85 -29.11 4.39
CA ALA A 98 1.31 -29.54 3.08
C ALA A 98 2.76 -29.11 3.00
N LYS A 99 3.66 -30.00 2.59
CA LYS A 99 5.10 -29.78 2.42
C LYS A 99 5.41 -29.65 0.92
N PHE A 100 4.56 -30.26 0.08
CA PHE A 100 4.67 -30.22 -1.38
C PHE A 100 3.35 -29.73 -1.97
N TYR A 101 3.40 -29.04 -3.10
CA TYR A 101 2.22 -28.53 -3.79
C TYR A 101 2.07 -29.26 -5.13
N PRO A 102 0.82 -29.50 -5.59
CA PRO A 102 0.63 -30.12 -6.90
C PRO A 102 0.97 -29.13 -8.00
N GLU A 103 1.24 -29.64 -9.21
CA GLU A 103 1.46 -28.75 -10.35
C GLU A 103 0.10 -28.15 -10.80
N ASN A 104 -0.99 -28.94 -10.69
CA ASN A 104 -2.35 -28.51 -11.02
C ASN A 104 -3.29 -29.04 -9.96
N ALA A 105 -3.65 -28.18 -8.99
CA ALA A 105 -4.51 -28.51 -7.86
C ALA A 105 -5.84 -29.19 -8.22
N GLU A 106 -6.55 -28.67 -9.22
CA GLU A 106 -7.85 -29.21 -9.67
C GLU A 106 -7.71 -30.67 -10.14
N GLU A 107 -6.69 -30.96 -10.93
CA GLU A 107 -6.40 -32.29 -11.46
C GLU A 107 -5.91 -33.26 -10.36
N GLU A 108 -5.02 -32.78 -9.48
CA GLU A 108 -4.30 -33.60 -8.52
C GLU A 108 -4.92 -33.78 -7.15
N LEU A 109 -5.65 -32.79 -6.63
CA LEU A 109 -6.25 -32.92 -5.29
C LEU A 109 -7.65 -33.51 -5.41
N VAL A 110 -7.69 -34.86 -5.44
CA VAL A 110 -8.91 -35.68 -5.61
C VAL A 110 -9.87 -35.61 -4.41
N GLN A 111 -9.36 -35.76 -3.20
CA GLN A 111 -10.21 -35.78 -2.01
C GLN A 111 -10.65 -34.41 -1.58
N GLU A 112 -11.82 -34.33 -0.94
CA GLU A 112 -12.30 -33.08 -0.40
C GLU A 112 -11.41 -32.63 0.77
N ILE A 113 -10.98 -33.57 1.65
CA ILE A 113 -10.14 -33.22 2.79
C ILE A 113 -8.84 -32.60 2.31
N THR A 114 -8.21 -33.18 1.28
CA THR A 114 -6.96 -32.63 0.71
C THR A 114 -7.18 -31.22 0.17
N GLN A 115 -8.25 -31.02 -0.59
CA GLN A 115 -8.60 -29.71 -1.13
C GLN A 115 -8.80 -28.69 -0.02
N HIS A 116 -9.52 -29.10 1.03
CA HIS A 116 -9.83 -28.25 2.17
C HIS A 116 -8.58 -27.84 2.93
N LEU A 117 -7.68 -28.80 3.21
CA LEU A 117 -6.44 -28.50 3.93
C LEU A 117 -5.53 -27.58 3.11
N PHE A 118 -5.38 -27.84 1.80
CA PHE A 118 -4.59 -26.97 0.92
C PHE A 118 -5.19 -25.56 0.92
N PHE A 119 -6.51 -25.49 0.70
CA PHE A 119 -7.25 -24.23 0.69
C PHE A 119 -6.97 -23.37 1.95
N LEU A 120 -7.06 -23.98 3.13
CA LEU A 120 -6.88 -23.21 4.38
C LEU A 120 -5.46 -22.76 4.56
N GLN A 121 -4.49 -23.63 4.23
CA GLN A 121 -3.06 -23.32 4.36
C GLN A 121 -2.64 -22.24 3.39
N VAL A 122 -3.05 -22.39 2.11
CA VAL A 122 -2.73 -21.42 1.07
C VAL A 122 -3.38 -20.07 1.40
N LYS A 123 -4.62 -20.09 1.86
CA LYS A 123 -5.34 -18.88 2.25
C LYS A 123 -4.62 -18.18 3.39
N LYS A 124 -4.10 -18.94 4.36
CA LYS A 124 -3.39 -18.36 5.49
C LYS A 124 -2.14 -17.69 4.96
N GLN A 125 -1.40 -18.37 4.03
CA GLN A 125 -0.20 -17.79 3.40
C GLN A 125 -0.54 -16.48 2.67
N ILE A 126 -1.70 -16.43 1.99
CA ILE A 126 -2.11 -15.23 1.28
C ILE A 126 -2.39 -14.12 2.28
N LEU A 127 -3.22 -14.41 3.29
CA LEU A 127 -3.59 -13.42 4.31
C LEU A 127 -2.40 -13.00 5.15
N ASP A 128 -1.45 -13.90 5.42
CA ASP A 128 -0.24 -13.54 6.18
C ASP A 128 0.83 -12.89 5.29
N GLU A 129 0.56 -12.67 4.00
CA GLU A 129 1.53 -12.06 3.11
C GLU A 129 2.78 -12.94 2.90
N LYS A 130 2.68 -14.25 3.11
CA LYS A 130 3.82 -15.12 2.80
C LYS A 130 3.89 -15.28 1.25
N ILE A 131 2.72 -15.19 0.55
CA ILE A 131 2.57 -15.19 -0.90
C ILE A 131 2.03 -13.78 -1.25
N TYR A 132 2.76 -13.04 -2.09
CA TYR A 132 2.28 -11.75 -2.59
C TYR A 132 0.99 -11.99 -3.38
N CYS A 133 -0.04 -11.17 -3.12
CA CYS A 133 -1.29 -11.23 -3.88
C CYS A 133 -1.71 -9.79 -4.20
N PRO A 134 -1.94 -9.45 -5.49
CA PRO A 134 -2.37 -8.08 -5.80
C PRO A 134 -3.79 -7.78 -5.32
N PRO A 135 -4.16 -6.48 -5.26
CA PRO A 135 -5.47 -6.09 -4.69
C PRO A 135 -6.71 -6.72 -5.29
N GLU A 136 -6.87 -6.64 -6.62
CA GLU A 136 -8.06 -7.19 -7.27
C GLU A 136 -8.15 -8.70 -7.03
N ALA A 137 -7.02 -9.40 -7.16
CA ALA A 137 -6.98 -10.85 -6.92
C ALA A 137 -7.42 -11.15 -5.50
N SER A 138 -6.91 -10.38 -4.52
CA SER A 138 -7.25 -10.56 -3.11
C SER A 138 -8.75 -10.44 -2.84
N VAL A 139 -9.41 -9.49 -3.47
CA VAL A 139 -10.85 -9.31 -3.32
C VAL A 139 -11.59 -10.52 -3.92
N LEU A 140 -11.17 -10.95 -5.12
CA LEU A 140 -11.79 -12.12 -5.75
C LEU A 140 -11.60 -13.35 -4.87
N LEU A 141 -10.39 -13.54 -4.33
CA LEU A 141 -10.10 -14.68 -3.47
C LEU A 141 -10.97 -14.65 -2.23
N ALA A 142 -11.15 -13.46 -1.63
CA ALA A 142 -11.98 -13.31 -0.43
C ALA A 142 -13.42 -13.70 -0.74
N SER A 143 -13.92 -13.30 -1.92
CA SER A 143 -15.29 -13.65 -2.32
C SER A 143 -15.50 -15.19 -2.38
N TYR A 144 -14.46 -15.97 -2.75
CA TYR A 144 -14.57 -17.42 -2.77
C TYR A 144 -14.46 -17.96 -1.37
N ALA A 145 -13.60 -17.36 -0.52
CA ALA A 145 -13.50 -17.80 0.87
C ALA A 145 -14.83 -17.61 1.61
N VAL A 146 -15.56 -16.52 1.28
CA VAL A 146 -16.87 -16.23 1.85
C VAL A 146 -17.88 -17.26 1.34
N GLN A 147 -17.92 -17.52 0.03
CA GLN A 147 -18.82 -18.56 -0.51
C GLN A 147 -18.54 -19.88 0.15
N ALA A 148 -17.26 -20.26 0.37
CA ALA A 148 -16.92 -21.55 1.01
C ALA A 148 -17.41 -21.65 2.46
N LYS A 149 -17.33 -20.55 3.22
CA LYS A 149 -17.74 -20.52 4.63
C LYS A 149 -19.25 -20.33 4.84
N TYR A 150 -19.86 -19.40 4.11
CA TYR A 150 -21.25 -18.99 4.30
C TYR A 150 -22.28 -19.63 3.37
N GLY A 151 -21.86 -20.32 2.33
CA GLY A 151 -22.78 -20.87 1.36
C GLY A 151 -23.29 -19.76 0.45
N ASP A 152 -24.44 -19.97 -0.20
CA ASP A 152 -25.01 -18.96 -1.12
C ASP A 152 -25.35 -17.63 -0.44
N TYR A 153 -25.10 -16.50 -1.13
CA TYR A 153 -25.41 -15.17 -0.63
C TYR A 153 -26.92 -15.03 -0.46
N ASP A 154 -27.37 -14.56 0.73
CA ASP A 154 -28.78 -14.33 1.05
C ASP A 154 -28.90 -12.94 1.67
N PRO A 155 -29.39 -11.94 0.92
CA PRO A 155 -29.46 -10.57 1.48
C PRO A 155 -30.25 -10.41 2.78
N SER A 156 -31.23 -11.30 3.02
CA SER A 156 -32.04 -11.27 4.24
C SER A 156 -31.24 -11.70 5.47
N VAL A 157 -30.24 -12.58 5.28
CA VAL A 157 -29.40 -13.09 6.37
C VAL A 157 -28.07 -12.34 6.41
N HIS A 158 -27.44 -12.16 5.24
CA HIS A 158 -26.13 -11.51 5.09
C HIS A 158 -26.31 -10.00 4.87
N LYS A 159 -26.65 -9.31 5.95
CA LYS A 159 -26.89 -7.87 5.95
C LYS A 159 -25.56 -7.13 6.09
N ARG A 160 -25.59 -5.80 5.98
CA ARG A 160 -24.39 -4.95 6.16
C ARG A 160 -23.73 -5.30 7.49
N GLY A 161 -22.40 -5.39 7.48
CA GLY A 161 -21.59 -5.75 8.64
C GLY A 161 -21.43 -7.23 8.91
N PHE A 162 -22.00 -8.14 8.08
CA PHE A 162 -21.90 -9.59 8.34
C PHE A 162 -20.43 -10.12 8.26
N LEU A 163 -19.54 -9.46 7.52
CA LEU A 163 -18.13 -9.85 7.42
C LEU A 163 -17.22 -8.90 8.22
N ALA A 164 -17.78 -8.16 9.18
CA ALA A 164 -17.03 -7.18 9.98
C ALA A 164 -15.96 -7.83 10.85
N GLN A 165 -16.27 -8.98 11.45
CA GLN A 165 -15.31 -9.70 12.28
C GLN A 165 -14.39 -10.66 11.48
N GLU A 166 -14.56 -10.76 10.16
CA GLU A 166 -13.74 -11.64 9.33
C GLU A 166 -12.43 -11.01 8.84
N GLU A 167 -11.35 -11.84 8.83
CA GLU A 167 -10.02 -11.52 8.29
C GLU A 167 -10.12 -12.00 6.84
N LEU A 168 -10.33 -11.06 5.90
CA LEU A 168 -10.55 -11.41 4.50
C LEU A 168 -9.50 -10.93 3.52
N LEU A 169 -8.76 -9.86 3.81
CA LEU A 169 -7.72 -9.41 2.87
C LEU A 169 -6.37 -9.27 3.59
N PRO A 170 -5.24 -9.35 2.85
CA PRO A 170 -3.95 -9.06 3.46
C PRO A 170 -3.94 -7.64 4.02
N LYS A 171 -3.22 -7.40 5.12
CA LYS A 171 -3.15 -6.07 5.73
C LYS A 171 -2.57 -5.07 4.75
N ARG A 172 -1.60 -5.52 3.94
CA ARG A 172 -0.99 -4.77 2.86
C ARG A 172 -2.06 -4.20 1.92
N VAL A 173 -3.05 -4.99 1.52
CA VAL A 173 -4.10 -4.57 0.60
C VAL A 173 -5.03 -3.58 1.28
N ILE A 174 -5.45 -3.88 2.53
CA ILE A 174 -6.29 -2.96 3.30
C ILE A 174 -5.60 -1.56 3.45
N ASN A 175 -4.27 -1.57 3.71
CA ASN A 175 -3.50 -0.35 3.95
C ASN A 175 -3.16 0.47 2.72
N LEU A 176 -3.43 -0.05 1.51
CA LEU A 176 -3.12 0.69 0.30
C LEU A 176 -4.22 1.68 -0.03
N TYR A 177 -5.46 1.43 0.42
CA TYR A 177 -6.60 2.24 0.04
C TYR A 177 -7.23 3.08 1.13
N GLN A 178 -7.16 2.66 2.39
CA GLN A 178 -7.81 3.41 3.47
C GLN A 178 -9.36 3.57 3.26
N MET A 179 -9.99 2.52 2.65
CA MET A 179 -11.42 2.32 2.49
C MET A 179 -11.86 1.74 3.82
N THR A 180 -13.13 1.92 4.19
CA THR A 180 -13.63 1.44 5.46
C THR A 180 -13.91 -0.06 5.41
N PRO A 181 -13.99 -0.76 6.56
CA PRO A 181 -14.34 -2.18 6.53
C PRO A 181 -15.65 -2.46 5.80
N GLU A 182 -16.66 -1.58 5.97
CA GLU A 182 -17.94 -1.75 5.28
C GLU A 182 -17.80 -1.56 3.77
N MET A 183 -16.86 -0.70 3.32
CA MET A 183 -16.63 -0.52 1.89
C MET A 183 -15.95 -1.76 1.30
N TRP A 184 -15.00 -2.37 2.03
CA TRP A 184 -14.36 -3.60 1.55
C TRP A 184 -15.40 -4.71 1.50
N GLU A 185 -16.25 -4.78 2.52
CA GLU A 185 -17.31 -5.77 2.57
C GLU A 185 -18.24 -5.62 1.36
N GLU A 186 -18.55 -4.36 0.96
CA GLU A 186 -19.41 -4.16 -0.21
C GLU A 186 -18.74 -4.69 -1.47
N ARG A 187 -17.44 -4.41 -1.66
CA ARG A 187 -16.66 -4.87 -2.81
C ARG A 187 -16.65 -6.42 -2.84
N ILE A 188 -16.44 -7.05 -1.67
CA ILE A 188 -16.39 -8.52 -1.54
C ILE A 188 -17.77 -9.11 -1.80
N THR A 189 -18.84 -8.50 -1.22
CA THR A 189 -20.21 -8.98 -1.39
C THR A 189 -20.68 -8.91 -2.85
N ALA A 190 -20.29 -7.86 -3.58
CA ALA A 190 -20.64 -7.74 -5.01
C ALA A 190 -20.18 -8.98 -5.78
N TRP A 191 -18.93 -9.43 -5.52
CA TRP A 191 -18.36 -10.63 -6.16
C TRP A 191 -19.02 -11.93 -5.64
N TYR A 192 -19.18 -12.03 -4.32
CA TYR A 192 -19.81 -13.17 -3.61
C TYR A 192 -21.19 -13.49 -4.21
N ALA A 193 -21.97 -12.44 -4.53
CA ALA A 193 -23.28 -12.59 -5.19
C ALA A 193 -23.17 -13.40 -6.48
N GLU A 194 -22.05 -13.29 -7.23
CA GLU A 194 -21.86 -14.03 -8.48
C GLU A 194 -21.54 -15.52 -8.27
N HIS A 195 -21.22 -15.97 -7.05
CA HIS A 195 -20.87 -17.38 -6.82
C HIS A 195 -22.06 -18.22 -6.32
N ARG A 196 -23.30 -17.71 -6.39
CA ARG A 196 -24.49 -18.46 -5.93
C ARG A 196 -24.57 -19.78 -6.71
N GLY A 197 -24.78 -20.88 -5.99
CA GLY A 197 -24.88 -22.22 -6.57
C GLY A 197 -23.67 -23.09 -6.33
N ARG A 198 -22.48 -22.48 -6.12
CA ARG A 198 -21.25 -23.24 -5.89
C ARG A 198 -21.16 -23.83 -4.48
N ALA A 199 -20.87 -25.12 -4.39
CA ALA A 199 -20.69 -25.82 -3.11
C ALA A 199 -19.42 -25.36 -2.37
N ARG A 200 -19.23 -25.80 -1.12
CA ARG A 200 -18.05 -25.45 -0.35
C ARG A 200 -16.80 -25.90 -1.06
N ASP A 201 -16.75 -27.18 -1.50
CA ASP A 201 -15.58 -27.72 -2.19
C ASP A 201 -15.32 -27.05 -3.52
N GLU A 202 -16.37 -26.64 -4.21
CA GLU A 202 -16.23 -25.94 -5.48
C GLU A 202 -15.63 -24.54 -5.27
N ALA A 203 -16.11 -23.80 -4.25
CA ALA A 203 -15.59 -22.47 -3.90
C ALA A 203 -14.12 -22.56 -3.51
N GLU A 204 -13.77 -23.56 -2.67
CA GLU A 204 -12.40 -23.77 -2.21
C GLU A 204 -11.49 -24.11 -3.37
N MET A 205 -11.98 -24.81 -4.39
CA MET A 205 -11.18 -25.15 -5.56
C MET A 205 -10.99 -23.94 -6.50
N GLU A 206 -12.01 -23.05 -6.62
CA GLU A 206 -11.85 -21.83 -7.43
C GLU A 206 -10.82 -20.94 -6.78
N TYR A 207 -10.81 -20.89 -5.43
CA TYR A 207 -9.80 -20.17 -4.65
C TYR A 207 -8.41 -20.70 -5.05
N LEU A 208 -8.20 -22.03 -4.96
CA LEU A 208 -6.91 -22.65 -5.29
C LEU A 208 -6.44 -22.43 -6.73
N LYS A 209 -7.39 -22.42 -7.68
CA LYS A 209 -7.07 -22.22 -9.10
C LYS A 209 -6.50 -20.81 -9.33
N ILE A 210 -7.02 -19.80 -8.59
CA ILE A 210 -6.47 -18.45 -8.65
C ILE A 210 -5.14 -18.44 -7.86
N ALA A 211 -5.18 -18.87 -6.60
CA ALA A 211 -3.97 -18.89 -5.77
C ALA A 211 -2.76 -19.63 -6.41
N GLN A 212 -2.99 -20.76 -7.11
CA GLN A 212 -1.88 -21.51 -7.72
C GLN A 212 -1.19 -20.76 -8.87
N ASP A 213 -1.82 -19.73 -9.45
CA ASP A 213 -1.19 -18.92 -10.50
C ASP A 213 -0.46 -17.70 -9.95
N LEU A 214 -0.45 -17.51 -8.61
CA LEU A 214 0.33 -16.43 -8.00
C LEU A 214 1.82 -16.81 -8.13
N GLU A 215 2.64 -15.81 -8.38
CA GLU A 215 4.06 -16.01 -8.63
C GLU A 215 4.83 -16.69 -7.48
N MET A 216 4.54 -16.32 -6.21
CA MET A 216 5.20 -16.91 -5.03
C MET A 216 4.55 -18.23 -4.52
N TYR A 217 3.43 -18.64 -5.10
CA TYR A 217 2.75 -19.84 -4.70
C TYR A 217 3.68 -21.09 -4.84
N GLY A 218 3.72 -21.89 -3.78
CA GLY A 218 4.46 -23.13 -3.73
C GLY A 218 5.96 -23.04 -3.75
N VAL A 219 6.54 -21.84 -3.60
CA VAL A 219 8.00 -21.69 -3.64
C VAL A 219 8.58 -21.67 -2.21
N ASN A 220 9.62 -22.52 -1.97
CA ASN A 220 10.33 -22.57 -0.70
C ASN A 220 11.55 -21.75 -0.94
N TYR A 221 11.66 -20.57 -0.28
CA TYR A 221 12.76 -19.63 -0.48
C TYR A 221 13.84 -19.82 0.55
N PHE A 222 15.09 -19.68 0.14
CA PHE A 222 16.22 -19.80 1.04
C PHE A 222 17.19 -18.70 0.71
N ALA A 223 17.74 -18.04 1.73
CA ALA A 223 18.75 -17.01 1.52
C ALA A 223 20.04 -17.77 1.21
N ILE A 224 20.60 -17.53 0.02
CA ILE A 224 21.84 -18.15 -0.48
C ILE A 224 22.77 -17.05 -0.95
N ARG A 225 24.02 -17.42 -1.28
CA ARG A 225 25.05 -16.52 -1.81
C ARG A 225 25.74 -17.25 -2.94
N ASN A 226 26.13 -16.55 -3.99
CA ASN A 226 26.89 -17.22 -5.07
C ASN A 226 28.39 -17.28 -4.66
N LYS A 227 29.22 -17.87 -5.52
CA LYS A 227 30.67 -18.03 -5.31
C LYS A 227 31.37 -16.67 -5.00
N LYS A 228 30.91 -15.56 -5.66
CA LYS A 228 31.42 -14.19 -5.50
C LYS A 228 30.90 -13.49 -4.21
N GLY A 229 30.05 -14.16 -3.43
CA GLY A 229 29.49 -13.62 -2.20
C GLY A 229 28.25 -12.77 -2.40
N THR A 230 27.68 -12.76 -3.62
CA THR A 230 26.47 -11.97 -3.93
C THR A 230 25.25 -12.61 -3.28
N GLU A 231 24.45 -11.83 -2.55
CA GLU A 231 23.25 -12.37 -1.91
C GLU A 231 22.15 -12.65 -2.93
N LEU A 232 21.58 -13.86 -2.91
CA LEU A 232 20.50 -14.28 -3.80
C LEU A 232 19.44 -15.05 -2.98
N LEU A 233 18.35 -15.48 -3.64
CA LEU A 233 17.35 -16.35 -3.02
C LEU A 233 17.20 -17.59 -3.90
N LEU A 234 17.17 -18.76 -3.29
CA LEU A 234 16.95 -20.02 -3.96
C LEU A 234 15.51 -20.30 -3.79
N GLY A 235 14.83 -20.74 -4.83
CA GLY A 235 13.44 -21.19 -4.76
C GLY A 235 13.40 -22.64 -5.16
N VAL A 236 12.83 -23.49 -4.31
CA VAL A 236 12.67 -24.93 -4.57
C VAL A 236 11.20 -25.14 -4.68
N ASP A 237 10.72 -25.62 -5.85
CA ASP A 237 9.30 -25.84 -6.02
C ASP A 237 9.06 -27.11 -6.82
N ALA A 238 7.73 -27.40 -7.01
CA ALA A 238 7.26 -28.55 -7.77
C ALA A 238 7.88 -28.66 -9.18
N LEU A 239 8.25 -27.53 -9.83
CA LEU A 239 8.78 -27.50 -11.20
C LEU A 239 10.29 -27.49 -11.37
N GLY A 240 11.04 -27.05 -10.34
CA GLY A 240 12.49 -27.02 -10.43
C GLY A 240 13.14 -26.13 -9.39
N LEU A 241 14.42 -25.76 -9.65
CA LEU A 241 15.19 -24.84 -8.79
C LEU A 241 15.25 -23.50 -9.47
N HIS A 242 15.12 -22.43 -8.69
CA HIS A 242 15.06 -21.09 -9.24
C HIS A 242 15.90 -20.12 -8.48
N ILE A 243 16.60 -19.21 -9.18
CA ILE A 243 17.47 -18.20 -8.58
C ILE A 243 16.81 -16.84 -8.71
N TYR A 244 16.52 -16.21 -7.57
CA TYR A 244 15.91 -14.90 -7.51
C TYR A 244 16.95 -13.87 -7.06
N ASP A 245 16.76 -12.67 -7.54
CA ASP A 245 17.48 -11.51 -7.10
C ASP A 245 16.74 -11.17 -5.78
N PRO A 246 17.41 -10.92 -4.64
CA PRO A 246 16.67 -10.70 -3.38
C PRO A 246 15.64 -9.58 -3.38
N GLU A 247 15.80 -8.62 -4.32
CA GLU A 247 14.89 -7.49 -4.54
C GLU A 247 13.64 -7.88 -5.36
N ASN A 248 13.51 -9.17 -5.77
CA ASN A 248 12.36 -9.62 -6.53
C ASN A 248 12.09 -11.10 -6.26
N ARG A 249 11.15 -11.39 -5.34
CA ARG A 249 10.74 -12.74 -4.99
C ARG A 249 9.66 -13.25 -6.00
N LEU A 250 9.09 -12.38 -6.86
CA LEU A 250 8.04 -12.81 -7.79
C LEU A 250 8.59 -13.55 -8.98
N THR A 251 9.54 -12.97 -9.70
CA THR A 251 10.09 -13.57 -10.91
C THR A 251 11.52 -14.01 -10.70
N PRO A 252 11.86 -15.32 -10.84
CA PRO A 252 13.27 -15.72 -10.76
C PRO A 252 13.98 -15.33 -12.04
N LYS A 253 15.27 -15.08 -11.93
CA LYS A 253 16.10 -14.66 -13.05
C LYS A 253 16.66 -15.87 -13.82
N ILE A 254 16.84 -16.99 -13.16
CA ILE A 254 17.29 -18.26 -13.74
C ILE A 254 16.39 -19.39 -13.17
N SER A 255 16.06 -20.39 -14.00
CA SER A 255 15.25 -21.55 -13.58
C SER A 255 15.87 -22.80 -14.18
N PHE A 256 15.91 -23.88 -13.38
CA PHE A 256 16.44 -25.20 -13.74
C PHE A 256 15.30 -26.20 -13.51
N PRO A 257 14.47 -26.49 -14.55
CA PRO A 257 13.39 -27.47 -14.38
C PRO A 257 13.93 -28.84 -13.95
N TRP A 258 13.18 -29.60 -13.14
CA TRP A 258 13.69 -30.90 -12.61
C TRP A 258 14.21 -31.88 -13.69
N ASN A 259 13.65 -31.85 -14.90
CA ASN A 259 14.06 -32.71 -16.02
C ASN A 259 15.23 -32.12 -16.81
N GLU A 260 15.76 -30.98 -16.40
CA GLU A 260 16.88 -30.36 -17.08
C GLU A 260 18.06 -30.23 -16.12
N ILE A 261 18.06 -31.02 -15.04
CA ILE A 261 19.16 -31.04 -14.06
C ILE A 261 19.75 -32.45 -14.11
N ARG A 262 21.07 -32.55 -14.33
CA ARG A 262 21.82 -33.81 -14.35
C ARG A 262 21.92 -34.33 -12.94
N ASN A 263 22.34 -33.48 -12.02
CA ASN A 263 22.49 -33.86 -10.62
C ASN A 263 22.66 -32.63 -9.77
N ILE A 264 22.47 -32.79 -8.47
CA ILE A 264 22.70 -31.77 -7.46
C ILE A 264 23.62 -32.42 -6.45
N SER A 265 24.74 -31.76 -6.15
CA SER A 265 25.70 -32.26 -5.19
C SER A 265 25.94 -31.18 -4.18
N TYR A 266 26.17 -31.63 -2.96
CA TYR A 266 26.38 -30.78 -1.80
C TYR A 266 27.74 -31.13 -1.20
N SER A 267 28.55 -30.12 -0.80
CA SER A 267 29.88 -30.37 -0.22
C SER A 267 30.42 -29.19 0.59
N ASP A 268 30.41 -29.30 1.94
CA ASP A 268 30.91 -28.28 2.87
C ASP A 268 30.23 -26.91 2.70
N LYS A 269 28.90 -26.86 2.98
CA LYS A 269 28.05 -25.65 2.90
C LYS A 269 27.89 -25.03 1.47
N GLU A 270 28.24 -25.82 0.40
CA GLU A 270 28.18 -25.41 -1.00
C GLU A 270 27.35 -26.41 -1.82
N PHE A 271 26.35 -25.91 -2.55
CA PHE A 271 25.53 -26.73 -3.44
C PHE A 271 26.03 -26.51 -4.85
N THR A 272 25.95 -27.52 -5.71
CA THR A 272 26.35 -27.42 -7.13
C THR A 272 25.23 -27.98 -7.99
N ILE A 273 24.55 -27.14 -8.78
CA ILE A 273 23.50 -27.60 -9.70
C ILE A 273 24.23 -27.86 -11.00
N LYS A 274 24.13 -29.09 -11.51
CA LYS A 274 24.77 -29.53 -12.75
C LYS A 274 23.70 -29.64 -13.85
N PRO A 275 23.63 -28.63 -14.75
CA PRO A 275 22.64 -28.69 -15.82
C PRO A 275 22.76 -29.92 -16.69
N LEU A 276 21.63 -30.40 -17.23
CA LEU A 276 21.66 -31.54 -18.13
C LEU A 276 22.39 -31.17 -19.40
N ASP A 277 22.26 -29.88 -19.82
CA ASP A 277 22.94 -29.38 -21.01
C ASP A 277 24.35 -29.08 -20.61
N LYS A 278 25.29 -29.91 -21.09
CA LYS A 278 26.71 -29.74 -20.76
C LYS A 278 27.28 -28.40 -21.26
N LYS A 279 26.58 -27.71 -22.20
CA LYS A 279 26.96 -26.38 -22.69
C LYS A 279 26.77 -25.31 -21.60
N ILE A 280 25.79 -25.52 -20.66
CA ILE A 280 25.55 -24.60 -19.52
C ILE A 280 26.50 -24.96 -18.38
N ASP A 281 27.20 -24.00 -17.81
CA ASP A 281 28.14 -24.29 -16.73
C ASP A 281 27.40 -24.52 -15.43
N VAL A 282 28.02 -25.29 -14.53
CA VAL A 282 27.40 -25.60 -13.25
C VAL A 282 27.13 -24.33 -12.45
N PHE A 283 26.02 -24.33 -11.67
CA PHE A 283 25.61 -23.21 -10.82
C PHE A 283 25.92 -23.57 -9.36
N LYS A 284 26.91 -22.91 -8.77
CA LYS A 284 27.32 -23.14 -7.38
C LYS A 284 26.77 -22.06 -6.47
N PHE A 285 26.29 -22.45 -5.29
CA PHE A 285 25.83 -21.48 -4.30
C PHE A 285 26.08 -21.99 -2.89
N ASN A 286 26.22 -21.05 -1.96
CA ASN A 286 26.50 -21.31 -0.56
C ASN A 286 25.30 -21.00 0.30
N SER A 287 25.09 -21.82 1.33
CA SER A 287 24.08 -21.61 2.35
C SER A 287 24.80 -21.95 3.67
N SER A 288 24.68 -21.08 4.67
CA SER A 288 25.44 -21.24 5.90
C SER A 288 24.92 -22.27 6.86
N LYS A 289 23.62 -22.22 7.20
CA LYS A 289 23.09 -23.13 8.23
C LYS A 289 22.97 -24.60 7.75
N LEU A 290 23.63 -25.56 8.42
CA LEU A 290 23.50 -26.98 8.05
C LEU A 290 22.05 -27.49 8.16
N ARG A 291 21.29 -26.91 9.12
CA ARG A 291 19.88 -27.27 9.33
C ARG A 291 19.06 -26.95 8.07
N VAL A 292 19.39 -25.79 7.45
CA VAL A 292 18.77 -25.31 6.23
C VAL A 292 19.22 -26.16 5.07
N ASN A 293 20.51 -26.48 5.02
CA ASN A 293 21.01 -27.33 3.94
C ASN A 293 20.34 -28.71 3.94
N LYS A 294 19.99 -29.26 5.12
CA LYS A 294 19.26 -30.54 5.14
C LYS A 294 17.85 -30.38 4.52
N LEU A 295 17.18 -29.26 4.80
CA LEU A 295 15.86 -29.00 4.25
C LEU A 295 15.95 -28.83 2.77
N ILE A 296 16.97 -28.09 2.28
CA ILE A 296 17.11 -27.83 0.83
C ILE A 296 17.24 -29.15 0.12
N LEU A 297 18.13 -30.04 0.60
CA LEU A 297 18.31 -31.36 0.01
C LEU A 297 17.00 -32.18 0.03
N GLN A 298 16.30 -32.20 1.18
CA GLN A 298 15.03 -32.89 1.38
C GLN A 298 14.06 -32.44 0.31
N LEU A 299 13.91 -31.13 0.21
CA LEU A 299 12.94 -30.58 -0.72
C LEU A 299 13.36 -30.79 -2.18
N CYS A 300 14.67 -30.84 -2.48
CA CYS A 300 15.12 -31.12 -3.86
C CYS A 300 14.81 -32.58 -4.21
N ILE A 301 15.23 -33.53 -3.35
CA ILE A 301 15.04 -34.94 -3.62
C ILE A 301 13.57 -35.25 -3.77
N GLU A 302 12.75 -34.73 -2.83
CA GLU A 302 11.33 -35.05 -2.79
C GLU A 302 10.52 -34.32 -3.88
N ASN A 303 10.79 -33.03 -4.19
CA ASN A 303 10.09 -32.38 -5.31
C ASN A 303 10.48 -33.02 -6.63
N HIS A 304 11.75 -33.38 -6.78
CA HIS A 304 12.23 -34.02 -8.00
C HIS A 304 11.48 -35.33 -8.20
N ASP A 305 11.43 -36.16 -7.17
CA ASP A 305 10.73 -37.44 -7.23
C ASP A 305 9.25 -37.26 -7.59
N LEU A 306 8.52 -36.33 -6.93
CA LEU A 306 7.11 -36.11 -7.27
C LEU A 306 6.94 -35.61 -8.72
N PHE A 307 7.85 -34.75 -9.20
CA PHE A 307 7.83 -34.25 -10.57
C PHE A 307 7.96 -35.42 -11.52
N MET A 308 8.92 -36.34 -11.26
CA MET A 308 9.14 -37.52 -12.11
C MET A 308 7.95 -38.44 -12.10
N ARG A 309 7.34 -38.60 -10.95
CA ARG A 309 6.15 -39.44 -10.85
C ARG A 309 4.98 -38.84 -11.65
N ARG A 310 4.85 -37.50 -11.69
CA ARG A 310 3.80 -36.86 -12.49
C ARG A 310 4.02 -37.13 -13.95
N ARG A 311 5.27 -37.18 -14.37
CA ARG A 311 5.59 -37.43 -15.76
C ARG A 311 5.25 -38.88 -16.11
N LYS A 312 5.57 -39.83 -15.20
CA LYS A 312 5.25 -41.24 -15.37
C LYS A 312 3.73 -41.43 -15.38
N ALA A 313 3.00 -40.72 -14.53
CA ALA A 313 1.54 -40.79 -14.51
C ALA A 313 0.98 -40.19 -15.80
N ASP A 314 1.52 -39.04 -16.24
CA ASP A 314 1.06 -38.40 -17.46
C ASP A 314 1.19 -39.32 -18.65
N SER A 315 2.40 -39.89 -18.86
CA SER A 315 2.67 -40.79 -20.00
C SER A 315 1.86 -42.10 -19.94
N LEU A 316 1.63 -42.59 -18.74
CA LEU A 316 0.85 -43.81 -18.58
C LEU A 316 -0.63 -43.54 -18.96
N GLU A 317 -1.17 -42.39 -18.49
CA GLU A 317 -2.53 -41.93 -18.78
C GLU A 317 -2.75 -41.77 -20.28
N VAL A 318 -1.73 -41.34 -21.03
CA VAL A 318 -1.83 -41.20 -22.48
C VAL A 318 -1.92 -42.58 -23.12
N GLN A 319 -0.99 -43.50 -22.74
CA GLN A 319 -0.99 -44.86 -23.30
C GLN A 319 -2.24 -45.66 -22.96
N GLN A 320 -2.93 -45.32 -21.86
CA GLN A 320 -4.20 -45.96 -21.48
C GLN A 320 -5.34 -45.49 -22.41
N MET A 321 -5.41 -44.17 -22.74
CA MET A 321 -6.42 -43.61 -23.66
C MET A 321 -6.22 -44.15 -25.07
N LYS A 322 -4.97 -44.06 -25.57
CA LYS A 322 -4.56 -44.54 -26.88
C LYS A 322 -5.05 -45.98 -27.06
N ALA A 323 -4.76 -46.84 -26.09
CA ALA A 323 -5.17 -48.25 -26.07
C ALA A 323 -6.68 -48.44 -26.02
N GLN A 324 -7.34 -47.69 -25.15
CA GLN A 324 -8.78 -47.81 -24.97
C GLN A 324 -9.50 -47.34 -26.22
N ALA A 325 -8.99 -46.25 -26.86
CA ALA A 325 -9.51 -45.72 -28.13
C ALA A 325 -9.35 -46.76 -29.24
N ARG A 326 -8.15 -47.38 -29.38
CA ARG A 326 -7.93 -48.45 -30.37
C ARG A 326 -8.87 -49.64 -30.12
N GLU A 327 -8.93 -50.11 -28.86
CA GLU A 327 -9.78 -51.21 -28.45
C GLU A 327 -11.27 -50.91 -28.79
N GLU A 328 -11.76 -49.72 -28.39
CA GLU A 328 -13.15 -49.33 -28.64
C GLU A 328 -13.45 -49.07 -30.12
N LYS A 329 -12.51 -48.44 -30.86
CA LYS A 329 -12.71 -48.18 -32.29
C LYS A 329 -12.75 -49.54 -33.04
N ALA A 330 -11.77 -50.41 -32.77
CA ALA A 330 -11.67 -51.74 -33.35
C ALA A 330 -12.87 -52.59 -32.97
N ARG A 331 -13.38 -52.44 -31.72
CA ARG A 331 -14.56 -53.21 -31.27
C ARG A 331 -15.77 -52.78 -32.09
N LYS A 332 -15.98 -51.48 -32.20
CA LYS A 332 -17.10 -50.92 -32.96
C LYS A 332 -17.04 -51.24 -34.45
N GLN A 333 -15.82 -51.37 -35.02
CA GLN A 333 -15.65 -51.72 -36.43
C GLN A 333 -16.08 -53.17 -36.62
N MET A 334 -15.58 -54.06 -35.76
CA MET A 334 -15.90 -55.48 -35.74
C MET A 334 -17.43 -55.69 -35.72
N GLU A 335 -18.16 -54.92 -34.91
CA GLU A 335 -19.63 -54.98 -34.79
C GLU A 335 -20.34 -54.51 -36.07
N ARG A 336 -19.79 -53.50 -36.77
CA ARG A 336 -20.35 -52.99 -38.02
C ARG A 336 -20.17 -54.01 -39.16
N GLN A 337 -19.07 -54.78 -39.16
CA GLN A 337 -18.82 -55.80 -40.20
C GLN A 337 -19.76 -57.00 -40.04
N ARG A 338 -20.37 -57.19 -38.83
CA ARG A 338 -21.35 -58.25 -38.54
C ARG A 338 -22.80 -57.83 -38.92
N LEU A 339 -22.98 -56.92 -39.91
CA LEU A 339 -24.28 -56.41 -40.34
C LEU A 339 -24.35 -56.37 -41.87
N LYS B 15 27.90 62.82 -4.16
CA LYS B 15 26.56 63.14 -3.69
C LYS B 15 25.60 61.95 -3.84
N ARG B 16 25.46 61.39 -5.07
CA ARG B 16 24.58 60.23 -5.36
C ARG B 16 25.39 58.92 -5.53
N LYS B 17 26.48 58.75 -4.73
CA LYS B 17 27.39 57.61 -4.82
C LYS B 17 26.87 56.33 -4.11
N GLN B 18 26.02 56.45 -3.05
CA GLN B 18 25.45 55.27 -2.39
C GLN B 18 24.36 54.66 -3.32
N PRO B 19 24.34 53.31 -3.58
CA PRO B 19 23.32 52.76 -4.49
C PRO B 19 21.89 52.89 -3.98
N LYS B 20 20.95 53.08 -4.90
CA LYS B 20 19.54 53.27 -4.60
C LYS B 20 18.84 51.92 -4.43
N THR B 21 19.50 50.80 -4.80
CA THR B 21 18.90 49.47 -4.71
C THR B 21 19.88 48.41 -4.26
N PHE B 22 19.35 47.22 -3.96
CA PHE B 22 20.11 46.04 -3.57
C PHE B 22 19.49 44.84 -4.21
N THR B 23 20.30 43.84 -4.54
CA THR B 23 19.76 42.64 -5.17
C THR B 23 19.03 41.77 -4.16
N VAL B 24 17.85 41.31 -4.57
CA VAL B 24 16.99 40.41 -3.79
C VAL B 24 16.69 39.20 -4.68
N ARG B 25 16.96 38.00 -4.20
CA ARG B 25 16.66 36.78 -4.93
C ARG B 25 15.29 36.30 -4.47
N ILE B 26 14.43 35.92 -5.42
CA ILE B 26 13.05 35.47 -5.18
C ILE B 26 12.93 34.08 -5.71
N VAL B 27 12.62 33.10 -4.81
CA VAL B 27 12.51 31.68 -5.14
C VAL B 27 11.06 31.22 -5.16
N THR B 28 10.52 31.00 -6.36
CA THR B 28 9.16 30.47 -6.50
C THR B 28 9.30 28.94 -6.65
N MET B 29 8.18 28.21 -6.67
CA MET B 29 8.27 26.76 -6.88
C MET B 29 8.79 26.47 -8.33
N ASP B 30 8.58 27.42 -9.29
CA ASP B 30 9.02 27.30 -10.69
C ASP B 30 10.51 27.60 -10.88
N ALA B 31 10.90 28.85 -10.60
CA ALA B 31 12.26 29.30 -10.81
C ALA B 31 12.66 30.32 -9.79
N GLU B 32 13.92 30.75 -9.87
CA GLU B 32 14.46 31.78 -9.03
C GLU B 32 14.64 32.98 -9.93
N MET B 33 14.63 34.16 -9.36
CA MET B 33 14.78 35.38 -10.12
C MET B 33 15.26 36.47 -9.23
N GLU B 34 15.98 37.43 -9.79
CA GLU B 34 16.53 38.54 -9.05
C GLU B 34 15.96 39.87 -9.49
N PHE B 35 15.84 40.75 -8.51
CA PHE B 35 15.29 42.06 -8.70
C PHE B 35 16.13 43.09 -7.95
N ASN B 36 15.95 44.34 -8.36
CA ASN B 36 16.59 45.48 -7.77
C ASN B 36 15.56 46.06 -6.86
N CYS B 37 15.76 45.81 -5.58
CA CYS B 37 14.85 46.32 -4.59
C CYS B 37 15.35 47.65 -4.12
N GLU B 38 14.51 48.69 -4.12
CA GLU B 38 14.92 50.01 -3.64
C GLU B 38 15.13 49.93 -2.15
N MET B 39 16.10 50.68 -1.61
CA MET B 39 16.44 50.63 -0.18
C MET B 39 15.22 51.01 0.70
N LYS B 40 14.43 52.01 0.23
CA LYS B 40 13.23 52.54 0.90
C LYS B 40 11.99 51.67 0.82
N TRP B 41 11.95 50.74 -0.16
CA TRP B 41 10.80 49.89 -0.38
C TRP B 41 10.34 49.12 0.82
N LYS B 42 8.99 49.01 0.94
CA LYS B 42 8.32 48.22 1.96
C LYS B 42 8.06 46.83 1.40
N GLY B 43 7.55 45.93 2.26
CA GLY B 43 7.21 44.57 1.84
C GLY B 43 6.22 44.56 0.69
N LYS B 44 5.30 45.54 0.69
CA LYS B 44 4.27 45.65 -0.33
C LYS B 44 4.87 45.93 -1.70
N ASP B 45 5.89 46.80 -1.78
CA ASP B 45 6.51 47.20 -3.05
C ASP B 45 7.17 46.02 -3.73
N LEU B 46 7.97 45.28 -2.94
CA LEU B 46 8.66 44.09 -3.41
C LEU B 46 7.64 43.02 -3.77
N PHE B 47 6.63 42.83 -2.91
CA PHE B 47 5.59 41.82 -3.14
C PHE B 47 4.85 42.08 -4.44
N ASP B 48 4.39 43.33 -4.63
CA ASP B 48 3.67 43.71 -5.86
C ASP B 48 4.52 43.55 -7.12
N LEU B 49 5.84 43.84 -7.06
CA LEU B 49 6.77 43.65 -8.19
C LEU B 49 6.84 42.19 -8.58
N VAL B 50 6.95 41.30 -7.57
CA VAL B 50 7.00 39.86 -7.81
C VAL B 50 5.69 39.42 -8.46
N CYS B 51 4.56 39.78 -7.87
CA CYS B 51 3.27 39.42 -8.41
C CYS B 51 3.10 39.94 -9.85
N ARG B 52 3.49 41.20 -10.13
CA ARG B 52 3.37 41.77 -11.48
C ARG B 52 4.19 40.94 -12.43
N THR B 53 5.47 40.67 -12.10
CA THR B 53 6.38 39.86 -12.92
C THR B 53 5.76 38.50 -13.29
N LEU B 54 5.16 37.83 -12.27
CA LEU B 54 4.55 36.51 -12.43
C LEU B 54 3.24 36.55 -13.18
N GLY B 55 2.65 37.72 -13.34
CA GLY B 55 1.34 37.87 -13.97
C GLY B 55 0.29 37.35 -13.04
N LEU B 56 0.53 37.42 -11.71
CA LEU B 56 -0.35 36.89 -10.68
C LEU B 56 -1.18 38.02 -10.06
N ARG B 57 -2.51 37.88 -10.11
CA ARG B 57 -3.51 38.81 -9.58
C ARG B 57 -4.19 38.28 -8.29
N GLU B 58 -4.24 36.95 -8.09
CA GLU B 58 -4.84 36.36 -6.90
C GLU B 58 -3.77 36.32 -5.82
N THR B 59 -3.32 37.51 -5.43
CA THR B 59 -2.19 37.71 -4.54
C THR B 59 -2.40 37.36 -3.08
N TRP B 60 -3.61 37.61 -2.53
CA TRP B 60 -4.00 37.34 -1.13
C TRP B 60 -3.60 35.98 -0.58
N PHE B 61 -3.54 34.94 -1.41
CA PHE B 61 -3.08 33.63 -0.96
C PHE B 61 -1.56 33.60 -0.68
N PHE B 62 -0.77 34.51 -1.30
CA PHE B 62 0.69 34.46 -1.27
C PHE B 62 1.41 35.43 -0.35
N GLY B 63 2.68 35.11 -0.12
CA GLY B 63 3.56 35.89 0.72
C GLY B 63 5.01 35.63 0.32
N LEU B 64 5.93 36.39 0.95
CA LEU B 64 7.38 36.29 0.80
C LEU B 64 7.96 35.81 2.13
N GLN B 65 8.44 34.58 2.14
CA GLN B 65 8.94 33.96 3.35
C GLN B 65 10.45 34.00 3.41
N TYR B 66 11.00 34.22 4.62
CA TYR B 66 12.43 34.16 4.94
C TYR B 66 12.58 33.36 6.28
N THR B 67 13.83 33.22 6.81
CA THR B 67 14.05 32.44 8.03
C THR B 67 14.72 33.21 9.19
N ILE B 68 13.99 33.34 10.30
CA ILE B 68 14.48 33.98 11.52
C ILE B 68 14.90 32.82 12.42
N LYS B 69 16.22 32.69 12.69
CA LYS B 69 16.79 31.60 13.49
C LYS B 69 16.46 30.28 12.76
N ASP B 70 15.61 29.38 13.33
CA ASP B 70 15.20 28.14 12.67
C ASP B 70 13.74 28.19 12.21
N THR B 71 12.98 29.26 12.54
CA THR B 71 11.56 29.39 12.19
C THR B 71 11.32 30.24 10.93
N VAL B 72 10.19 29.98 10.24
CA VAL B 72 9.77 30.74 9.07
C VAL B 72 9.17 32.07 9.49
N ALA B 73 9.51 33.14 8.77
CA ALA B 73 8.95 34.45 9.02
C ALA B 73 8.47 34.97 7.68
N TRP B 74 7.28 35.59 7.62
CA TRP B 74 6.76 36.19 6.40
C TRP B 74 7.06 37.68 6.38
N LEU B 75 7.41 38.19 5.23
CA LEU B 75 7.67 39.60 5.04
C LEU B 75 6.36 40.39 5.25
N LYS B 76 6.34 41.35 6.20
CA LYS B 76 5.15 42.19 6.44
C LYS B 76 5.12 43.36 5.46
N MET B 77 3.93 43.60 4.89
CA MET B 77 3.70 44.58 3.82
C MET B 77 3.98 46.05 4.19
N ASP B 78 3.52 46.47 5.37
CA ASP B 78 3.65 47.80 5.96
C ASP B 78 5.10 48.25 6.27
N LYS B 79 6.05 47.30 6.46
CA LYS B 79 7.42 47.55 6.93
C LYS B 79 8.46 47.54 5.81
N LYS B 80 9.55 48.31 5.99
CA LYS B 80 10.68 48.39 5.03
C LYS B 80 11.30 46.99 4.91
N VAL B 81 11.65 46.55 3.67
CA VAL B 81 12.28 45.22 3.48
C VAL B 81 13.51 45.09 4.36
N LEU B 82 14.37 46.13 4.35
CA LEU B 82 15.61 46.13 5.13
C LEU B 82 15.40 46.23 6.64
N ASP B 83 14.20 46.67 7.12
CA ASP B 83 13.86 46.66 8.55
C ASP B 83 13.39 45.25 9.07
N HIS B 84 13.50 44.17 8.26
CA HIS B 84 13.16 42.81 8.69
C HIS B 84 14.43 42.10 9.11
N ASP B 85 14.30 41.11 9.96
CA ASP B 85 15.43 40.31 10.47
C ASP B 85 15.78 39.24 9.43
N VAL B 86 16.24 39.67 8.26
CA VAL B 86 16.59 38.76 7.18
C VAL B 86 18.07 38.80 7.00
N SER B 87 18.70 37.63 6.77
CA SER B 87 20.16 37.58 6.55
C SER B 87 20.47 38.44 5.30
N LYS B 88 21.34 39.47 5.48
CA LYS B 88 21.66 40.47 4.44
C LYS B 88 22.84 40.10 3.51
N GLU B 89 23.27 38.81 3.53
CA GLU B 89 24.34 38.33 2.65
C GLU B 89 23.79 38.35 1.24
N GLU B 90 24.55 38.90 0.31
CA GLU B 90 24.14 39.02 -1.11
C GLU B 90 23.86 37.63 -1.73
N PRO B 91 22.66 37.37 -2.34
CA PRO B 91 21.48 38.22 -2.46
C PRO B 91 20.48 37.92 -1.32
N VAL B 92 19.74 38.96 -0.90
CA VAL B 92 18.72 38.81 0.14
C VAL B 92 17.68 37.89 -0.47
N THR B 93 17.67 36.61 -0.09
CA THR B 93 16.72 35.65 -0.67
C THR B 93 15.35 35.57 0.06
N PHE B 94 14.27 35.34 -0.72
CA PHE B 94 12.90 35.17 -0.21
C PHE B 94 12.24 34.07 -0.98
N HIS B 95 11.25 33.41 -0.35
CA HIS B 95 10.55 32.32 -0.98
C HIS B 95 9.12 32.76 -1.23
N PHE B 96 8.72 32.84 -2.51
CA PHE B 96 7.35 33.23 -2.83
C PHE B 96 6.56 31.95 -2.71
N LEU B 97 5.69 31.88 -1.68
CA LEU B 97 4.86 30.71 -1.44
C LEU B 97 3.44 31.15 -1.09
N ALA B 98 2.50 30.18 -1.13
CA ALA B 98 1.13 30.37 -0.69
C ALA B 98 1.21 30.33 0.81
N LYS B 99 0.59 31.34 1.46
CA LYS B 99 0.48 31.48 2.92
C LYS B 99 -0.89 30.99 3.37
N PHE B 100 -1.90 31.14 2.47
CA PHE B 100 -3.31 30.74 2.70
C PHE B 100 -3.77 29.76 1.63
N TYR B 101 -4.63 28.85 2.00
CA TYR B 101 -5.19 27.88 1.06
C TYR B 101 -6.68 28.19 0.88
N PRO B 102 -7.22 27.98 -0.34
CA PRO B 102 -8.65 28.18 -0.54
C PRO B 102 -9.43 27.07 0.11
N GLU B 103 -10.72 27.29 0.37
CA GLU B 103 -11.56 26.21 0.89
C GLU B 103 -11.88 25.21 -0.24
N ASN B 104 -12.02 25.70 -1.49
CA ASN B 104 -12.25 24.88 -2.67
C ASN B 104 -11.39 25.42 -3.81
N ALA B 105 -10.26 24.76 -4.03
CA ALA B 105 -9.27 25.14 -5.05
C ALA B 105 -9.84 25.34 -6.47
N GLU B 106 -10.69 24.43 -6.94
CA GLU B 106 -11.29 24.49 -8.27
C GLU B 106 -12.14 25.76 -8.46
N GLU B 107 -12.95 26.10 -7.46
CA GLU B 107 -13.80 27.28 -7.45
C GLU B 107 -12.99 28.59 -7.29
N GLU B 108 -11.99 28.59 -6.40
CA GLU B 108 -11.26 29.76 -5.98
C GLU B 108 -10.01 30.13 -6.76
N LEU B 109 -9.25 29.16 -7.28
CA LEU B 109 -8.01 29.46 -8.02
C LEU B 109 -8.33 29.61 -9.50
N VAL B 110 -8.71 30.85 -9.87
CA VAL B 110 -9.13 31.27 -11.23
C VAL B 110 -7.98 31.25 -12.26
N GLN B 111 -6.83 31.81 -11.91
CA GLN B 111 -5.72 31.90 -12.85
C GLN B 111 -4.95 30.61 -12.97
N GLU B 112 -4.34 30.39 -14.15
CA GLU B 112 -3.50 29.23 -14.36
C GLU B 112 -2.23 29.33 -13.50
N ILE B 113 -1.62 30.53 -13.40
CA ILE B 113 -0.40 30.70 -12.61
C ILE B 113 -0.67 30.34 -11.15
N THR B 114 -1.80 30.81 -10.59
CA THR B 114 -2.16 30.48 -9.20
C THR B 114 -2.32 28.97 -9.01
N GLN B 115 -3.03 28.33 -9.93
CA GLN B 115 -3.22 26.88 -9.90
C GLN B 115 -1.88 26.15 -9.94
N HIS B 116 -1.00 26.60 -10.84
CA HIS B 116 0.33 26.01 -11.04
C HIS B 116 1.19 26.14 -9.80
N LEU B 117 1.23 27.33 -9.19
CA LEU B 117 2.03 27.55 -7.98
C LEU B 117 1.51 26.74 -6.80
N PHE B 118 0.19 26.69 -6.59
CA PHE B 118 -0.40 25.87 -5.53
C PHE B 118 -0.07 24.41 -5.77
N PHE B 119 -0.29 23.93 -7.01
CA PHE B 119 0.03 22.56 -7.43
C PHE B 119 1.47 22.16 -7.06
N LEU B 120 2.44 22.99 -7.40
CA LEU B 120 3.85 22.64 -7.16
C LEU B 120 4.20 22.64 -5.69
N GLN B 121 3.67 23.61 -4.93
CA GLN B 121 3.91 23.72 -3.49
C GLN B 121 3.28 22.60 -2.75
N VAL B 122 2.00 22.29 -3.06
CA VAL B 122 1.26 21.21 -2.42
C VAL B 122 1.91 19.87 -2.75
N LYS B 123 2.32 19.68 -4.00
CA LYS B 123 3.00 18.46 -4.43
C LYS B 123 4.32 18.28 -3.68
N LYS B 124 5.11 19.35 -3.42
CA LYS B 124 6.35 19.17 -2.67
C LYS B 124 6.01 18.80 -1.23
N GLN B 125 4.90 19.32 -0.68
CA GLN B 125 4.47 18.94 0.66
C GLN B 125 4.13 17.46 0.73
N ILE B 126 3.48 16.95 -0.31
CA ILE B 126 3.12 15.52 -0.36
C ILE B 126 4.37 14.69 -0.53
N LEU B 127 5.26 15.06 -1.43
CA LEU B 127 6.49 14.30 -1.65
C LEU B 127 7.45 14.38 -0.47
N ASP B 128 7.53 15.54 0.21
CA ASP B 128 8.39 15.66 1.40
C ASP B 128 7.71 15.11 2.65
N GLU B 129 6.53 14.53 2.55
CA GLU B 129 5.83 13.98 3.71
C GLU B 129 5.43 15.07 4.71
N LYS B 130 5.30 16.34 4.30
CA LYS B 130 4.81 17.37 5.19
C LYS B 130 3.27 17.17 5.32
N ILE B 131 2.59 16.62 4.28
CA ILE B 131 1.18 16.23 4.28
C ILE B 131 1.19 14.69 4.10
N TYR B 132 0.59 13.98 5.05
CA TYR B 132 0.45 12.53 4.94
C TYR B 132 -0.44 12.24 3.72
N CYS B 133 -0.02 11.28 2.88
CA CYS B 133 -0.81 10.83 1.74
C CYS B 133 -0.77 9.29 1.68
N PRO B 134 -1.93 8.60 1.67
CA PRO B 134 -1.90 7.14 1.62
C PRO B 134 -1.41 6.60 0.26
N PRO B 135 -1.04 5.31 0.19
CA PRO B 135 -0.44 4.77 -1.04
C PRO B 135 -1.22 4.93 -2.35
N GLU B 136 -2.47 4.48 -2.43
CA GLU B 136 -3.15 4.63 -3.72
C GLU B 136 -3.36 6.08 -4.05
N ALA B 137 -3.68 6.92 -3.05
CA ALA B 137 -3.85 8.32 -3.36
C ALA B 137 -2.55 8.88 -3.97
N SER B 138 -1.41 8.66 -3.30
CA SER B 138 -0.11 9.17 -3.77
C SER B 138 0.25 8.67 -5.19
N VAL B 139 -0.09 7.44 -5.51
CA VAL B 139 0.14 6.90 -6.85
C VAL B 139 -0.72 7.72 -7.83
N LEU B 140 -2.07 7.84 -7.57
CA LEU B 140 -2.98 8.60 -8.44
C LEU B 140 -2.52 10.01 -8.60
N LEU B 141 -2.10 10.66 -7.49
CA LEU B 141 -1.56 12.02 -7.54
C LEU B 141 -0.38 12.10 -8.50
N ALA B 142 0.60 11.17 -8.34
CA ALA B 142 1.78 11.15 -9.21
C ALA B 142 1.39 10.95 -10.69
N SER B 143 0.34 10.15 -10.98
CA SER B 143 -0.10 9.96 -12.37
C SER B 143 -0.63 11.27 -12.93
N TYR B 144 -1.33 12.07 -12.11
CA TYR B 144 -1.77 13.40 -12.55
C TYR B 144 -0.58 14.32 -12.83
N ALA B 145 0.45 14.28 -11.97
CA ALA B 145 1.65 15.12 -12.13
C ALA B 145 2.40 14.74 -13.40
N VAL B 146 2.48 13.43 -13.64
CA VAL B 146 3.11 12.93 -14.84
C VAL B 146 2.26 13.44 -16.06
N GLN B 147 0.92 13.38 -16.00
CA GLN B 147 0.13 13.96 -17.09
C GLN B 147 0.45 15.46 -17.21
N ALA B 148 0.55 16.18 -16.08
CA ALA B 148 0.84 17.62 -16.15
C ALA B 148 2.21 17.95 -16.79
N LYS B 149 3.24 17.12 -16.50
CA LYS B 149 4.60 17.33 -16.99
C LYS B 149 4.83 16.79 -18.40
N TYR B 150 4.36 15.57 -18.68
CA TYR B 150 4.62 14.85 -19.92
C TYR B 150 3.56 14.94 -21.01
N GLY B 151 2.39 15.47 -20.70
CA GLY B 151 1.29 15.50 -21.66
C GLY B 151 0.68 14.12 -21.78
N ASP B 152 -0.02 13.84 -22.89
CA ASP B 152 -0.66 12.53 -23.09
C ASP B 152 0.33 11.36 -23.11
N TYR B 153 -0.06 10.23 -22.48
CA TYR B 153 0.78 9.01 -22.47
C TYR B 153 0.95 8.47 -23.89
N ASP B 154 2.18 8.15 -24.27
CA ASP B 154 2.53 7.60 -25.59
C ASP B 154 3.47 6.42 -25.37
N PRO B 155 3.00 5.17 -25.52
CA PRO B 155 3.89 4.01 -25.27
C PRO B 155 5.17 3.95 -26.10
N SER B 156 5.16 4.56 -27.30
CA SER B 156 6.33 4.59 -28.18
C SER B 156 7.42 5.53 -27.64
N VAL B 157 7.03 6.58 -26.90
CA VAL B 157 7.96 7.55 -26.33
C VAL B 157 8.23 7.24 -24.86
N HIS B 158 7.16 6.97 -24.10
CA HIS B 158 7.21 6.69 -22.66
C HIS B 158 7.38 5.19 -22.40
N LYS B 159 8.59 4.70 -22.66
CA LYS B 159 8.94 3.30 -22.50
C LYS B 159 9.28 3.02 -21.05
N ARG B 160 9.50 1.75 -20.74
CA ARG B 160 9.94 1.30 -19.41
C ARG B 160 11.14 2.15 -18.93
N GLY B 161 11.12 2.57 -17.68
CA GLY B 161 12.16 3.41 -17.10
C GLY B 161 12.09 4.90 -17.38
N PHE B 162 11.06 5.41 -18.09
CA PHE B 162 10.95 6.85 -18.40
C PHE B 162 10.78 7.74 -17.14
N LEU B 163 10.21 7.20 -16.03
CA LEU B 163 10.03 7.92 -14.76
C LEU B 163 11.03 7.39 -13.72
N ALA B 164 12.20 6.84 -14.16
CA ALA B 164 13.23 6.32 -13.25
C ALA B 164 13.94 7.43 -12.48
N GLN B 165 14.25 8.55 -13.15
CA GLN B 165 14.94 9.67 -12.51
C GLN B 165 13.95 10.67 -11.83
N GLU B 166 12.64 10.45 -11.94
CA GLU B 166 11.65 11.32 -11.33
C GLU B 166 11.34 10.96 -9.85
N GLU B 167 11.17 12.02 -9.03
CA GLU B 167 10.74 11.93 -7.64
C GLU B 167 9.22 12.05 -7.77
N LEU B 168 8.52 10.92 -7.71
CA LEU B 168 7.05 10.89 -7.89
C LEU B 168 6.24 10.50 -6.66
N LEU B 169 6.78 9.65 -5.81
CA LEU B 169 6.00 9.22 -4.63
C LEU B 169 6.77 9.55 -3.33
N PRO B 170 6.06 9.73 -2.20
CA PRO B 170 6.75 9.89 -0.93
C PRO B 170 7.65 8.66 -0.66
N LYS B 171 8.78 8.86 0.01
CA LYS B 171 9.71 7.76 0.32
C LYS B 171 9.02 6.69 1.16
N ARG B 172 8.16 7.08 2.13
CA ARG B 172 7.44 6.08 2.94
C ARG B 172 6.49 5.22 2.07
N VAL B 173 5.93 5.76 0.96
CA VAL B 173 5.09 4.91 0.09
C VAL B 173 5.98 3.94 -0.69
N ILE B 174 7.10 4.42 -1.24
CA ILE B 174 8.05 3.56 -1.96
C ILE B 174 8.50 2.35 -1.09
N ASN B 175 8.62 2.49 0.23
CA ASN B 175 9.01 1.32 1.02
C ASN B 175 7.98 0.19 0.92
N LEU B 176 6.76 0.45 0.41
CA LEU B 176 5.75 -0.58 0.19
C LEU B 176 5.91 -1.19 -1.17
N TYR B 177 5.87 -0.36 -2.23
CA TYR B 177 5.96 -0.85 -3.62
C TYR B 177 7.36 -1.40 -4.04
N GLN B 178 7.84 -2.49 -3.39
CA GLN B 178 9.15 -3.07 -3.71
C GLN B 178 9.04 -4.56 -4.03
N MET B 179 7.96 -5.00 -4.68
CA MET B 179 7.79 -6.42 -5.03
C MET B 179 8.71 -6.68 -6.22
N THR B 180 8.56 -5.88 -7.27
CA THR B 180 9.43 -5.83 -8.43
C THR B 180 10.12 -4.43 -8.37
N PRO B 181 11.33 -4.21 -8.91
CA PRO B 181 11.97 -2.90 -8.75
C PRO B 181 11.22 -1.70 -9.40
N GLU B 182 10.49 -1.92 -10.52
CA GLU B 182 9.72 -0.84 -11.16
C GLU B 182 8.20 -1.08 -11.01
N MET B 183 7.80 -1.61 -9.83
CA MET B 183 6.40 -1.86 -9.48
C MET B 183 5.71 -0.51 -9.30
N TRP B 184 6.44 0.45 -8.67
CA TRP B 184 5.95 1.80 -8.43
C TRP B 184 5.75 2.59 -9.74
N GLU B 185 6.67 2.47 -10.70
CA GLU B 185 6.56 3.16 -11.99
C GLU B 185 5.39 2.60 -12.82
N GLU B 186 5.26 1.27 -12.83
CA GLU B 186 4.20 0.54 -13.54
C GLU B 186 2.84 0.94 -13.00
N ARG B 187 2.72 1.11 -11.67
CA ARG B 187 1.47 1.55 -11.03
C ARG B 187 1.07 2.92 -11.54
N ILE B 188 2.06 3.85 -11.58
CA ILE B 188 1.83 5.22 -12.03
C ILE B 188 1.42 5.20 -13.48
N THR B 189 2.13 4.42 -14.29
CA THR B 189 1.84 4.37 -15.73
C THR B 189 0.45 3.83 -16.04
N ALA B 190 0.00 2.80 -15.32
CA ALA B 190 -1.34 2.22 -15.52
C ALA B 190 -2.41 3.33 -15.35
N TRP B 191 -2.26 4.16 -14.29
CA TRP B 191 -3.17 5.27 -14.01
C TRP B 191 -3.00 6.42 -15.02
N TYR B 192 -1.73 6.77 -15.31
CA TYR B 192 -1.32 7.82 -16.24
C TYR B 192 -2.04 7.64 -17.59
N ALA B 193 -2.08 6.38 -18.09
CA ALA B 193 -2.76 6.01 -19.34
C ALA B 193 -4.22 6.50 -19.36
N GLU B 194 -4.91 6.51 -18.20
CA GLU B 194 -6.30 6.95 -18.11
C GLU B 194 -6.50 8.47 -18.21
N HIS B 195 -5.43 9.29 -18.16
CA HIS B 195 -5.60 10.75 -18.21
C HIS B 195 -5.41 11.35 -19.60
N ARG B 196 -5.31 10.51 -20.65
CA ARG B 196 -5.12 10.99 -22.02
C ARG B 196 -6.23 12.00 -22.37
N GLY B 197 -5.84 13.15 -22.91
CA GLY B 197 -6.74 14.22 -23.30
C GLY B 197 -6.72 15.42 -22.38
N ARG B 198 -6.35 15.23 -21.10
CA ARG B 198 -6.33 16.33 -20.12
C ARG B 198 -5.12 17.26 -20.31
N ALA B 199 -5.38 18.56 -20.34
CA ALA B 199 -4.34 19.59 -20.46
C ALA B 199 -3.48 19.68 -19.19
N ARG B 200 -2.39 20.46 -19.23
CA ARG B 200 -1.52 20.63 -18.06
C ARG B 200 -2.32 21.21 -16.91
N ASP B 201 -3.08 22.30 -17.14
CA ASP B 201 -3.87 22.93 -16.08
C ASP B 201 -4.97 22.04 -15.54
N GLU B 202 -5.54 21.21 -16.41
CA GLU B 202 -6.58 20.27 -15.98
C GLU B 202 -5.99 19.19 -15.07
N ALA B 203 -4.82 18.64 -15.44
CA ALA B 203 -4.12 17.62 -14.65
C ALA B 203 -3.73 18.18 -13.29
N GLU B 204 -3.18 19.41 -13.27
CA GLU B 204 -2.77 20.08 -12.04
C GLU B 204 -3.95 20.34 -11.13
N MET B 205 -5.13 20.61 -11.69
CA MET B 205 -6.33 20.84 -10.89
C MET B 205 -6.92 19.53 -10.34
N GLU B 206 -6.83 18.41 -11.09
CA GLU B 206 -7.29 17.12 -10.57
C GLU B 206 -6.40 16.71 -9.41
N TYR B 207 -5.08 16.99 -9.51
CA TYR B 207 -4.12 16.79 -8.43
C TYR B 207 -4.62 17.55 -7.19
N LEU B 208 -4.87 18.87 -7.32
CA LEU B 208 -5.32 19.69 -6.20
C LEU B 208 -6.65 19.27 -5.56
N LYS B 209 -7.58 18.76 -6.37
CA LYS B 209 -8.88 18.30 -5.89
C LYS B 209 -8.73 17.08 -4.98
N ILE B 210 -7.76 16.21 -5.30
CA ILE B 210 -7.46 15.07 -4.44
C ILE B 210 -6.67 15.60 -3.23
N ALA B 211 -5.56 16.29 -3.48
CA ALA B 211 -4.72 16.83 -2.40
C ALA B 211 -5.49 17.67 -1.35
N GLN B 212 -6.47 18.51 -1.78
CA GLN B 212 -7.23 19.33 -0.84
C GLN B 212 -8.12 18.54 0.13
N ASP B 213 -8.42 17.26 -0.17
CA ASP B 213 -9.21 16.42 0.74
C ASP B 213 -8.34 15.64 1.70
N LEU B 214 -6.99 15.76 1.62
CA LEU B 214 -6.10 15.09 2.57
C LEU B 214 -6.27 15.77 3.93
N GLU B 215 -6.20 14.99 4.99
CA GLU B 215 -6.43 15.46 6.34
C GLU B 215 -5.45 16.58 6.79
N MET B 216 -4.15 16.48 6.47
CA MET B 216 -3.15 17.49 6.85
C MET B 216 -3.05 18.69 5.87
N TYR B 217 -3.77 18.65 4.75
CA TYR B 217 -3.73 19.70 3.76
C TYR B 217 -4.17 21.05 4.38
N GLY B 218 -3.35 22.08 4.13
CA GLY B 218 -3.61 23.44 4.54
C GLY B 218 -3.54 23.74 6.01
N VAL B 219 -3.03 22.80 6.84
CA VAL B 219 -2.97 23.03 8.28
C VAL B 219 -1.58 23.53 8.70
N ASN B 220 -1.55 24.65 9.48
CA ASN B 220 -0.33 25.22 10.02
C ASN B 220 -0.28 24.69 11.42
N TYR B 221 0.69 23.78 11.71
CA TYR B 221 0.81 23.13 13.02
C TYR B 221 1.78 23.87 13.91
N PHE B 222 1.49 23.94 15.19
CA PHE B 222 2.35 24.59 16.16
C PHE B 222 2.38 23.73 17.39
N ALA B 223 3.55 23.53 17.98
CA ALA B 223 3.68 22.79 19.21
C ALA B 223 3.21 23.74 20.32
N ILE B 224 2.15 23.33 21.05
CA ILE B 224 1.52 24.09 22.13
C ILE B 224 1.42 23.17 23.33
N ARG B 225 1.03 23.72 24.49
CA ARG B 225 0.77 22.90 25.66
C ARG B 225 -0.33 23.53 26.44
N ASN B 226 -1.13 22.68 27.10
CA ASN B 226 -2.34 23.00 27.89
C ASN B 226 -2.00 23.71 29.18
N LYS B 227 -3.02 24.30 29.86
CA LYS B 227 -2.85 24.88 31.20
C LYS B 227 -2.13 23.86 32.17
N LYS B 228 -2.46 22.55 32.04
CA LYS B 228 -1.89 21.44 32.83
C LYS B 228 -0.47 21.01 32.37
N GLY B 229 0.06 21.63 31.31
CA GLY B 229 1.38 21.33 30.78
C GLY B 229 1.40 20.18 29.80
N THR B 230 0.23 19.70 29.35
CA THR B 230 0.13 18.59 28.40
C THR B 230 0.55 19.04 27.01
N GLU B 231 1.47 18.31 26.35
CA GLU B 231 1.90 18.69 25.00
C GLU B 231 0.81 18.39 23.97
N LEU B 232 0.50 19.39 23.15
CA LEU B 232 -0.49 19.32 22.10
C LEU B 232 0.10 19.95 20.82
N LEU B 233 -0.73 19.99 19.76
CA LEU B 233 -0.42 20.63 18.51
C LEU B 233 -1.62 21.48 18.18
N LEU B 234 -1.41 22.75 17.81
CA LEU B 234 -2.51 23.62 17.41
C LEU B 234 -2.44 23.60 15.90
N GLY B 235 -3.59 23.55 15.24
CA GLY B 235 -3.71 23.62 13.79
C GLY B 235 -4.51 24.85 13.43
N VAL B 236 -3.97 25.68 12.54
CA VAL B 236 -4.62 26.92 12.08
C VAL B 236 -4.80 26.73 10.61
N ASP B 237 -6.05 26.70 10.14
CA ASP B 237 -6.28 26.56 8.72
C ASP B 237 -7.46 27.47 8.27
N ALA B 238 -7.78 27.39 6.96
CA ALA B 238 -8.86 28.14 6.32
C ALA B 238 -10.21 28.01 7.03
N LEU B 239 -10.49 26.89 7.75
CA LEU B 239 -11.78 26.62 8.39
C LEU B 239 -11.89 26.96 9.87
N GLY B 240 -10.78 27.01 10.59
CA GLY B 240 -10.81 27.32 12.02
C GLY B 240 -9.54 26.93 12.76
N LEU B 241 -9.61 26.93 14.09
CA LEU B 241 -8.50 26.49 14.96
C LEU B 241 -8.81 25.01 15.39
N HIS B 242 -7.76 24.16 15.48
CA HIS B 242 -7.92 22.74 15.78
C HIS B 242 -6.89 22.27 16.76
N ILE B 243 -7.27 21.33 17.65
CA ILE B 243 -6.38 20.77 18.67
C ILE B 243 -6.16 19.27 18.43
N TYR B 244 -4.91 18.91 18.14
CA TYR B 244 -4.44 17.55 17.86
C TYR B 244 -3.72 16.96 19.07
N ASP B 245 -3.77 15.65 19.14
CA ASP B 245 -2.98 14.88 20.08
C ASP B 245 -1.64 14.83 19.35
N PRO B 246 -0.47 15.17 19.93
CA PRO B 246 0.77 15.12 19.13
C PRO B 246 1.06 13.79 18.41
N GLU B 247 0.45 12.69 18.89
CA GLU B 247 0.53 11.35 18.32
C GLU B 247 -0.43 11.16 17.10
N ASN B 248 -1.21 12.19 16.73
CA ASN B 248 -2.11 12.09 15.59
C ASN B 248 -2.31 13.46 14.94
N ARG B 249 -1.56 13.73 13.87
CA ARG B 249 -1.64 14.98 13.13
C ARG B 249 -2.80 14.93 12.10
N LEU B 250 -3.41 13.75 11.82
CA LEU B 250 -4.48 13.64 10.81
C LEU B 250 -5.79 14.17 11.32
N THR B 251 -6.27 13.66 12.46
CA THR B 251 -7.57 14.03 12.98
C THR B 251 -7.40 14.86 14.23
N PRO B 252 -7.87 16.14 14.25
CA PRO B 252 -7.83 16.89 15.50
C PRO B 252 -8.92 16.35 16.41
N LYS B 253 -8.72 16.47 17.70
CA LYS B 253 -9.66 15.99 18.70
C LYS B 253 -10.73 17.03 19.01
N ILE B 254 -10.42 18.32 18.85
CA ILE B 254 -11.34 19.44 19.05
C ILE B 254 -11.15 20.40 17.85
N SER B 255 -12.24 21.03 17.37
CA SER B 255 -12.19 22.02 16.28
C SER B 255 -13.11 23.17 16.63
N PHE B 256 -12.65 24.42 16.34
CA PHE B 256 -13.35 25.67 16.57
C PHE B 256 -13.45 26.39 15.22
N PRO B 257 -14.54 26.15 14.45
CA PRO B 257 -14.69 26.86 13.15
C PRO B 257 -14.66 28.37 13.32
N TRP B 258 -14.13 29.14 12.33
CA TRP B 258 -13.99 30.62 12.48
C TRP B 258 -15.29 31.35 12.87
N ASN B 259 -16.46 30.84 12.44
CA ASN B 259 -17.76 31.44 12.76
C ASN B 259 -18.34 30.95 14.11
N GLU B 260 -17.59 30.13 14.84
CA GLU B 260 -18.04 29.64 16.13
C GLU B 260 -17.03 30.05 17.21
N ILE B 261 -16.23 31.10 16.93
CA ILE B 261 -15.28 31.67 17.89
C ILE B 261 -15.74 33.10 18.16
N ARG B 262 -15.91 33.46 19.45
CA ARG B 262 -16.32 34.79 19.92
C ARG B 262 -15.12 35.71 19.75
N ASN B 263 -13.96 35.29 20.21
CA ASN B 263 -12.73 36.06 20.12
C ASN B 263 -11.53 35.17 20.49
N ILE B 264 -10.29 35.56 20.14
CA ILE B 264 -9.06 34.86 20.55
C ILE B 264 -8.23 35.92 21.23
N SER B 265 -7.93 35.75 22.51
CA SER B 265 -7.08 36.75 23.18
C SER B 265 -5.72 36.14 23.46
N TYR B 266 -4.67 36.99 23.45
CA TYR B 266 -3.29 36.59 23.74
C TYR B 266 -2.78 37.41 24.93
N SER B 267 -2.09 36.79 25.90
CA SER B 267 -1.56 37.52 27.06
C SER B 267 -0.44 36.77 27.78
N ASP B 268 0.82 37.24 27.61
CA ASP B 268 2.03 36.68 28.26
C ASP B 268 2.25 35.19 27.93
N LYS B 269 2.50 34.89 26.63
CA LYS B 269 2.75 33.52 26.09
C LYS B 269 1.55 32.53 26.23
N GLU B 270 0.32 33.04 26.48
CA GLU B 270 -0.91 32.27 26.65
C GLU B 270 -2.01 32.77 25.69
N PHE B 271 -2.59 31.85 24.92
CA PHE B 271 -3.70 32.17 24.01
C PHE B 271 -4.97 31.70 24.69
N THR B 272 -6.09 32.39 24.45
CA THR B 272 -7.40 32.00 25.01
C THR B 272 -8.41 32.02 23.86
N ILE B 273 -8.95 30.85 23.48
CA ILE B 273 -9.98 30.76 22.46
C ILE B 273 -11.29 30.82 23.24
N LYS B 274 -12.14 31.81 22.91
CA LYS B 274 -13.44 32.03 23.54
C LYS B 274 -14.54 31.55 22.60
N PRO B 275 -15.10 30.31 22.79
CA PRO B 275 -16.14 29.84 21.87
C PRO B 275 -17.34 30.76 21.86
N LEU B 276 -18.05 30.77 20.74
CA LEU B 276 -19.25 31.59 20.61
C LEU B 276 -20.31 31.06 21.54
N ASP B 277 -20.35 29.72 21.76
CA ASP B 277 -21.31 29.09 22.63
C ASP B 277 -20.80 29.27 24.02
N LYS B 278 -21.48 30.12 24.80
CA LYS B 278 -21.08 30.41 26.18
C LYS B 278 -21.17 29.16 27.09
N LYS B 279 -21.88 28.07 26.66
CA LYS B 279 -21.94 26.80 27.37
C LYS B 279 -20.58 26.07 27.32
N ILE B 280 -19.76 26.30 26.24
CA ILE B 280 -18.41 25.71 26.10
C ILE B 280 -17.42 26.61 26.82
N ASP B 281 -16.56 26.04 27.66
CA ASP B 281 -15.60 26.86 28.41
C ASP B 281 -14.46 27.27 27.51
N VAL B 282 -13.80 28.39 27.84
CA VAL B 282 -12.70 28.89 27.05
C VAL B 282 -11.56 27.87 27.00
N PHE B 283 -10.86 27.80 25.84
CA PHE B 283 -9.73 26.90 25.62
C PHE B 283 -8.43 27.71 25.68
N LYS B 284 -7.65 27.50 26.75
CA LYS B 284 -6.38 28.21 26.96
C LYS B 284 -5.20 27.31 26.60
N PHE B 285 -4.20 27.88 25.92
CA PHE B 285 -2.99 27.13 25.60
C PHE B 285 -1.79 28.06 25.60
N ASN B 286 -0.62 27.46 25.86
CA ASN B 286 0.65 28.16 25.93
C ASN B 286 1.53 27.80 24.76
N SER B 287 2.27 28.80 24.27
CA SER B 287 3.28 28.64 23.23
C SER B 287 4.46 29.47 23.74
N SER B 288 5.66 28.86 23.75
CA SER B 288 6.86 29.42 24.32
C SER B 288 7.47 30.58 23.53
N LYS B 289 7.73 30.39 22.24
CA LYS B 289 8.43 31.38 21.41
C LYS B 289 7.55 32.59 20.97
N LEU B 290 7.94 33.83 21.33
CA LEU B 290 7.18 35.02 20.90
C LEU B 290 7.11 35.14 19.35
N ARG B 291 8.17 34.67 18.67
CA ARG B 291 8.23 34.69 17.21
C ARG B 291 7.12 33.85 16.61
N VAL B 292 6.84 32.70 17.27
CA VAL B 292 5.79 31.76 16.89
C VAL B 292 4.44 32.36 17.27
N ASN B 293 4.35 33.00 18.44
CA ASN B 293 3.08 33.63 18.84
C ASN B 293 2.67 34.79 17.91
N LYS B 294 3.63 35.41 17.20
CA LYS B 294 3.31 36.45 16.23
C LYS B 294 2.70 35.80 14.99
N LEU B 295 3.25 34.63 14.57
CA LEU B 295 2.75 33.91 13.41
C LEU B 295 1.37 33.37 13.67
N ILE B 296 1.13 32.81 14.87
CA ILE B 296 -0.17 32.19 15.21
C ILE B 296 -1.24 33.26 15.12
N LEU B 297 -0.99 34.44 15.72
CA LEU B 297 -1.92 35.57 15.63
C LEU B 297 -2.18 36.02 14.18
N GLN B 298 -1.09 36.21 13.44
CA GLN B 298 -1.09 36.63 12.06
C GLN B 298 -1.89 35.65 11.20
N LEU B 299 -1.74 34.34 11.41
CA LEU B 299 -2.52 33.35 10.67
C LEU B 299 -3.96 33.28 11.16
N CYS B 300 -4.21 33.62 12.44
CA CYS B 300 -5.57 33.62 12.99
C CYS B 300 -6.36 34.75 12.36
N ILE B 301 -5.79 35.98 12.44
CA ILE B 301 -6.46 37.18 11.95
C ILE B 301 -6.72 37.03 10.47
N GLU B 302 -5.70 36.60 9.71
CA GLU B 302 -5.80 36.54 8.25
C GLU B 302 -6.64 35.37 7.75
N ASN B 303 -6.59 34.17 8.39
CA ASN B 303 -7.47 33.07 7.96
C ASN B 303 -8.88 33.34 8.31
N HIS B 304 -9.13 34.03 9.44
CA HIS B 304 -10.47 34.43 9.87
C HIS B 304 -11.04 35.38 8.85
N ASP B 305 -10.29 36.42 8.51
CA ASP B 305 -10.72 37.42 7.55
C ASP B 305 -11.06 36.78 6.19
N LEU B 306 -10.18 35.92 5.64
CA LEU B 306 -10.49 35.27 4.35
C LEU B 306 -11.74 34.37 4.44
N PHE B 307 -11.93 33.67 5.57
CA PHE B 307 -13.11 32.84 5.82
C PHE B 307 -14.35 33.71 5.75
N MET B 308 -14.33 34.87 6.44
CA MET B 308 -15.48 35.79 6.46
C MET B 308 -15.76 36.35 5.10
N ARG B 309 -14.72 36.66 4.36
CA ARG B 309 -14.89 37.16 3.01
C ARG B 309 -15.53 36.11 2.10
N ARG B 310 -15.20 34.81 2.27
CA ARG B 310 -15.81 33.76 1.47
C ARG B 310 -17.28 33.66 1.77
N ARG B 311 -17.71 33.82 3.03
CA ARG B 311 -19.14 33.76 3.41
C ARG B 311 -19.93 34.93 2.84
N LYS B 312 -19.26 36.07 2.65
CA LYS B 312 -19.86 37.27 2.11
C LYS B 312 -19.92 37.13 0.58
N ALA B 313 -18.87 36.59 -0.02
CA ALA B 313 -18.88 36.31 -1.45
C ALA B 313 -19.96 35.26 -1.76
N ASP B 314 -20.05 34.21 -0.92
CA ASP B 314 -21.04 33.15 -1.12
C ASP B 314 -22.44 33.73 -1.11
N SER B 315 -22.79 34.51 -0.07
CA SER B 315 -24.14 35.09 0.07
C SER B 315 -24.46 36.11 -1.02
N LEU B 316 -23.45 36.85 -1.46
CA LEU B 316 -23.65 37.83 -2.53
C LEU B 316 -23.96 37.10 -3.85
N GLU B 317 -23.18 36.03 -4.14
CA GLU B 317 -23.35 35.19 -5.32
C GLU B 317 -24.74 34.57 -5.39
N VAL B 318 -25.32 34.22 -4.23
CA VAL B 318 -26.69 33.67 -4.18
C VAL B 318 -27.68 34.76 -4.53
N GLN B 319 -27.57 35.94 -3.90
CA GLN B 319 -28.49 37.05 -4.16
C GLN B 319 -28.41 37.59 -5.58
N GLN B 320 -27.27 37.40 -6.26
CA GLN B 320 -27.11 37.79 -7.68
C GLN B 320 -27.86 36.82 -8.59
N MET B 321 -27.80 35.47 -8.32
CA MET B 321 -28.54 34.45 -9.10
C MET B 321 -30.05 34.61 -8.92
N LYS B 322 -30.48 34.71 -7.65
CA LYS B 322 -31.88 34.90 -7.26
C LYS B 322 -32.45 36.06 -8.04
N ALA B 323 -31.75 37.20 -8.05
CA ALA B 323 -32.15 38.42 -8.77
C ALA B 323 -32.17 38.23 -10.29
N GLN B 324 -31.12 37.63 -10.86
CA GLN B 324 -31.01 37.38 -12.29
C GLN B 324 -32.13 36.45 -12.71
N ALA B 325 -32.39 35.38 -11.93
CA ALA B 325 -33.46 34.42 -12.22
C ALA B 325 -34.82 35.13 -12.21
N ARG B 326 -35.11 35.97 -11.19
CA ARG B 326 -36.37 36.74 -11.15
C ARG B 326 -36.47 37.68 -12.35
N GLU B 327 -35.41 38.44 -12.62
CA GLU B 327 -35.33 39.36 -13.74
C GLU B 327 -35.59 38.62 -15.07
N GLU B 328 -34.87 37.52 -15.31
CA GLU B 328 -35.01 36.74 -16.55
C GLU B 328 -36.35 36.01 -16.65
N LYS B 329 -36.86 35.45 -15.54
CA LYS B 329 -38.17 34.78 -15.56
C LYS B 329 -39.28 35.82 -15.85
N ALA B 330 -39.27 36.93 -15.12
CA ALA B 330 -40.22 38.04 -15.30
C ALA B 330 -40.10 38.64 -16.68
N ARG B 331 -38.87 38.73 -17.25
CA ARG B 331 -38.67 39.26 -18.60
C ARG B 331 -39.32 38.35 -19.61
N LYS B 332 -39.07 37.04 -19.50
CA LYS B 332 -39.65 36.05 -20.40
C LYS B 332 -41.16 35.95 -20.29
N GLN B 333 -41.73 36.19 -19.10
CA GLN B 333 -43.18 36.18 -18.90
C GLN B 333 -43.79 37.36 -19.65
N MET B 334 -43.22 38.55 -19.42
CA MET B 334 -43.62 39.80 -20.07
C MET B 334 -43.68 39.62 -21.61
N GLU B 335 -42.68 38.95 -22.20
CA GLU B 335 -42.60 38.68 -23.64
C GLU B 335 -43.69 37.70 -24.13
N ARG B 336 -44.06 36.71 -23.31
CA ARG B 336 -45.11 35.74 -23.63
C ARG B 336 -46.50 36.42 -23.62
N GLN B 337 -46.72 37.41 -22.72
CA GLN B 337 -48.01 38.12 -22.64
C GLN B 337 -48.20 39.04 -23.85
N ARG B 338 -47.12 39.41 -24.56
CA ARG B 338 -47.15 40.25 -25.78
C ARG B 338 -47.40 39.41 -27.07
N LEU B 339 -48.09 38.24 -26.95
CA LEU B 339 -48.35 37.32 -28.06
C LEU B 339 -49.81 36.84 -28.01
#